data_3SLP
#
_entry.id   3SLP
#
_cell.length_a   80.115
_cell.length_b   80.115
_cell.length_c   241.041
_cell.angle_alpha   90.00
_cell.angle_beta   90.00
_cell.angle_gamma   120.00
#
_symmetry.space_group_name_H-M   'P 65'
#
loop_
_entity.id
_entity.type
_entity.pdbx_description
1 polymer Exonuclease
2 polymer "5'-D(*GP*CP*GP*AP*CP*TP*AP*GP*TP*CP*GP*C)-3'"
3 non-polymer 'CALCIUM ION'
4 non-polymer 'PHOSPHATE ION'
5 non-polymer 'CHLORIDE ION'
6 water water
#
loop_
_entity_poly.entity_id
_entity_poly.type
_entity_poly.pdbx_seq_one_letter_code
_entity_poly.pdbx_strand_id
1 'polypeptide(L)'
;GSHMTPDIILQRTGIDVRAVEQGDDAWHKLRLGVITASEVHNVIAKPRSGKKWPDMKMSYFHTLLAEVCTGVAPEVNAKA
LAWGKQYENDARTLFEFTSGVNVTESPIIYRDESMRTACSPDGLCSDGNGLELKCPFTSRDFMKFRLGGFEAIKSAYMAQ
VQYSMWVTRKNAWYFANYDPRMKREGLHYVVIERDEKYMASFDEIVPEFIEKMDEALAEIGFVFGEQWR
;
A,B,C
2 'polydeoxyribonucleotide' (DG)(DC)(DG)(DA)(DC)(DT)(DA)(DG)(DT)(DC)(DG)(DC) D,E
#
# COMPACT_ATOMS: atom_id res chain seq x y z
N MET A 4 6.22 40.02 -10.27
CA MET A 4 6.53 38.56 -10.36
C MET A 4 6.83 38.22 -11.84
N THR A 5 8.03 37.68 -12.07
CA THR A 5 8.66 37.69 -13.41
C THR A 5 9.91 36.75 -13.54
N PRO A 6 10.29 36.36 -14.79
CA PRO A 6 11.53 35.59 -15.05
C PRO A 6 12.83 36.18 -14.49
N ASP A 7 12.83 37.47 -14.20
CA ASP A 7 14.00 38.13 -13.63
C ASP A 7 14.14 37.79 -12.14
N ILE A 8 13.07 38.01 -11.38
CA ILE A 8 13.01 37.69 -9.96
C ILE A 8 13.32 36.19 -9.69
N ILE A 9 12.80 35.31 -10.55
CA ILE A 9 13.08 33.91 -10.40
C ILE A 9 14.54 33.61 -10.71
N LEU A 10 15.10 34.26 -11.71
CA LEU A 10 16.52 34.04 -11.99
C LEU A 10 17.37 34.48 -10.79
N GLN A 11 17.10 35.67 -10.26
CA GLN A 11 17.81 36.21 -9.13
C GLN A 11 17.77 35.33 -7.87
N ARG A 12 16.68 34.57 -7.68
CA ARG A 12 16.51 33.80 -6.45
C ARG A 12 16.97 32.35 -6.57
N THR A 13 16.93 31.81 -7.78
CA THR A 13 17.12 30.38 -8.03
C THR A 13 18.18 30.17 -9.08
N GLY A 14 18.66 31.26 -9.66
CA GLY A 14 19.59 31.24 -10.78
C GLY A 14 19.06 30.51 -12.02
N ILE A 15 17.80 30.08 -11.98
CA ILE A 15 17.18 29.38 -13.09
C ILE A 15 16.50 30.31 -14.10
N ASP A 16 16.54 29.92 -15.38
CA ASP A 16 15.79 30.58 -16.45
C ASP A 16 14.53 29.77 -16.72
N VAL A 17 13.36 30.36 -16.46
CA VAL A 17 12.07 29.63 -16.60
C VAL A 17 11.67 29.27 -18.00
N ARG A 18 12.19 29.98 -19.00
CA ARG A 18 11.78 29.73 -20.38
C ARG A 18 12.47 28.49 -20.93
N ALA A 19 13.61 28.14 -20.34
CA ALA A 19 14.34 26.93 -20.71
C ALA A 19 13.71 25.64 -20.14
N VAL A 20 12.59 25.77 -19.40
CA VAL A 20 12.00 24.62 -18.68
C VAL A 20 10.63 24.09 -19.16
N GLU A 21 10.54 22.77 -19.27
CA GLU A 21 9.29 22.08 -19.53
C GLU A 21 8.81 21.29 -18.31
N GLN A 22 7.55 20.85 -18.34
CA GLN A 22 6.95 20.14 -17.23
C GLN A 22 7.70 18.83 -17.12
N GLY A 23 8.62 18.77 -16.17
CA GLY A 23 9.38 17.57 -15.91
C GLY A 23 10.90 17.64 -15.96
N ASP A 24 11.46 18.81 -16.24
CA ASP A 24 12.93 19.00 -16.23
C ASP A 24 13.47 18.82 -14.84
N ASP A 25 14.79 18.62 -14.77
CA ASP A 25 15.49 18.64 -13.51
C ASP A 25 15.37 20.01 -12.85
N ALA A 26 14.97 21.00 -13.63
CA ALA A 26 14.81 22.37 -13.15
C ALA A 26 13.37 22.61 -12.69
N TRP A 27 12.42 21.98 -13.38
CA TRP A 27 11.03 21.99 -12.98
C TRP A 27 10.93 21.51 -11.53
N HIS A 28 11.61 20.42 -11.19
CA HIS A 28 11.53 19.87 -9.86
C HIS A 28 12.22 20.78 -8.85
N LYS A 29 13.35 21.35 -9.24
CA LYS A 29 14.13 22.24 -8.37
C LYS A 29 13.33 23.49 -7.97
N LEU A 30 12.55 23.99 -8.90
CA LEU A 30 11.80 25.20 -8.66
C LEU A 30 10.65 24.99 -7.66
N ARG A 31 10.24 23.74 -7.46
CA ARG A 31 9.12 23.35 -6.58
C ARG A 31 9.60 23.00 -5.18
N LEU A 32 10.89 22.82 -5.01
CA LEU A 32 11.45 22.39 -3.73
C LEU A 32 11.06 23.36 -2.59
N GLY A 33 10.30 22.84 -1.60
CA GLY A 33 9.95 23.53 -0.37
C GLY A 33 8.77 24.46 -0.53
N VAL A 34 8.15 24.35 -1.70
CA VAL A 34 7.10 25.25 -2.05
C VAL A 34 5.73 24.56 -1.92
N ILE A 35 4.79 25.17 -1.20
CA ILE A 35 3.46 24.63 -1.13
C ILE A 35 2.77 24.68 -2.47
N THR A 36 2.63 23.51 -3.10
CA THR A 36 2.05 23.34 -4.44
C THR A 36 0.60 22.85 -4.46
N ALA A 37 -0.10 23.13 -5.56
CA ALA A 37 -1.52 22.80 -5.72
C ALA A 37 -1.81 21.38 -5.42
N SER A 38 -1.03 20.48 -6.02
CA SER A 38 -1.27 19.05 -5.92
C SER A 38 -1.09 18.54 -4.53
N GLU A 39 -0.65 19.38 -3.59
CA GLU A 39 -0.36 18.89 -2.25
C GLU A 39 -1.06 19.72 -1.21
N VAL A 40 -1.84 20.70 -1.64
CA VAL A 40 -2.38 21.64 -0.67
C VAL A 40 -3.51 21.07 0.21
N HIS A 41 -4.08 19.94 -0.19
CA HIS A 41 -5.14 19.31 0.61
C HIS A 41 -4.60 18.99 2.00
N ASN A 42 -3.33 18.59 2.07
CA ASN A 42 -2.66 18.33 3.37
C ASN A 42 -2.60 19.64 4.15
N VAL A 43 -2.36 20.75 3.48
CA VAL A 43 -2.29 22.03 4.21
C VAL A 43 -3.60 22.44 4.90
N ILE A 44 -4.73 22.19 4.26
CA ILE A 44 -6.03 22.65 4.80
C ILE A 44 -6.83 21.60 5.60
N ALA A 45 -6.26 20.41 5.76
CA ALA A 45 -6.84 19.40 6.59
C ALA A 45 -6.99 19.94 8.00
N LYS A 46 -8.17 19.75 8.56
CA LYS A 46 -8.50 20.22 9.90
C LYS A 46 -8.70 18.99 10.77
N PRO A 47 -8.53 19.12 12.12
CA PRO A 47 -8.86 17.97 12.97
C PRO A 47 -10.36 17.89 13.22
N ARG A 48 -10.81 16.74 13.75
CA ARG A 48 -12.24 16.49 13.97
C ARG A 48 -12.73 17.56 14.93
N SER A 49 -11.91 17.81 15.94
CA SER A 49 -12.15 18.85 16.91
C SER A 49 -10.79 19.34 17.44
N GLY A 50 -10.75 20.60 17.86
CA GLY A 50 -9.52 21.16 18.38
C GLY A 50 -8.75 21.89 17.30
N LYS A 51 -7.42 21.90 17.39
CA LYS A 51 -6.57 22.62 16.46
C LYS A 51 -5.18 21.94 16.25
N LYS A 52 -4.98 20.75 16.83
CA LYS A 52 -3.81 19.98 16.52
C LYS A 52 -3.86 19.60 15.07
N TRP A 53 -2.76 19.84 14.37
CA TRP A 53 -2.67 19.46 12.99
C TRP A 53 -2.80 17.98 12.81
N PRO A 54 -3.63 17.55 11.87
CA PRO A 54 -3.77 16.12 11.53
C PRO A 54 -2.47 15.53 10.98
N ASP A 55 -2.40 14.21 10.97
CA ASP A 55 -1.20 13.49 10.52
C ASP A 55 -0.74 13.83 9.07
N MET A 56 -1.70 13.88 8.15
CA MET A 56 -1.46 14.23 6.78
C MET A 56 -0.86 15.65 6.64
N LYS A 57 -1.20 16.53 7.58
CA LYS A 57 -0.66 17.88 7.57
C LYS A 57 0.80 17.99 8.12
N MET A 58 1.09 17.40 9.28
CA MET A 58 2.47 17.15 9.77
C MET A 58 3.40 16.49 8.75
N SER A 59 2.86 15.51 8.08
CA SER A 59 3.61 14.66 7.19
C SER A 59 3.90 15.40 5.87
N TYR A 60 3.11 16.38 5.54
CA TYR A 60 3.46 17.22 4.40
C TYR A 60 4.45 18.34 4.84
N PHE A 61 4.22 18.81 6.07
CA PHE A 61 5.08 19.75 6.80
C PHE A 61 6.51 19.23 6.80
N HIS A 62 6.73 18.01 7.27
CA HIS A 62 8.06 17.45 7.35
C HIS A 62 8.61 17.11 5.97
N THR A 63 7.73 16.78 5.05
CA THR A 63 8.16 16.53 3.69
C THR A 63 8.81 17.77 3.07
N LEU A 64 8.16 18.90 3.26
CA LEU A 64 8.51 20.10 2.58
C LEU A 64 9.81 20.63 3.21
N LEU A 65 9.90 20.50 4.53
CA LEU A 65 11.07 20.94 5.26
C LEU A 65 12.31 20.17 4.84
N ALA A 66 12.12 18.89 4.57
CA ALA A 66 13.21 18.00 4.19
C ALA A 66 13.75 18.43 2.83
N GLU A 67 12.85 18.90 1.94
CA GLU A 67 13.19 19.38 0.60
C GLU A 67 14.08 20.61 0.69
N VAL A 68 13.76 21.50 1.60
CA VAL A 68 14.59 22.65 1.84
C VAL A 68 15.99 22.18 2.30
N CYS A 69 16.09 21.23 3.21
CA CYS A 69 17.37 20.99 3.91
C CYS A 69 18.24 19.98 3.23
N THR A 70 17.67 19.15 2.36
CA THR A 70 18.41 18.22 1.55
C THR A 70 18.52 18.72 0.10
N GLY A 71 17.61 19.61 -0.31
CA GLY A 71 17.47 19.97 -1.72
C GLY A 71 17.16 18.79 -2.63
N VAL A 72 16.50 17.74 -2.13
CA VAL A 72 16.12 16.65 -3.01
C VAL A 72 14.64 16.27 -3.00
N ALA A 73 14.22 15.80 -4.17
CA ALA A 73 12.83 15.75 -4.52
C ALA A 73 12.23 14.37 -4.35
N PRO A 74 10.89 14.35 -4.22
CA PRO A 74 10.08 13.12 -4.08
C PRO A 74 10.19 12.30 -5.36
N GLU A 75 10.20 10.98 -5.21
CA GLU A 75 10.20 10.08 -6.36
C GLU A 75 8.90 10.16 -7.17
N VAL A 76 9.02 10.60 -8.42
CA VAL A 76 7.92 10.52 -9.38
C VAL A 76 7.45 9.06 -9.48
N ASN A 77 6.14 8.78 -9.38
CA ASN A 77 5.69 7.43 -9.77
C ASN A 77 5.84 7.30 -11.28
N ALA A 78 6.94 6.66 -11.69
CA ALA A 78 7.34 6.57 -13.09
C ALA A 78 6.25 5.99 -13.96
N LYS A 79 5.48 5.08 -13.37
CA LYS A 79 4.47 4.33 -14.10
C LYS A 79 3.32 5.22 -14.54
N ALA A 80 2.76 6.00 -13.61
CA ALA A 80 1.69 6.94 -13.97
C ALA A 80 2.15 8.06 -14.89
N LEU A 81 3.42 8.48 -14.76
CA LEU A 81 3.95 9.58 -15.56
C LEU A 81 4.35 9.20 -16.98
N ALA A 82 4.95 8.03 -17.13
CA ALA A 82 5.21 7.50 -18.45
C ALA A 82 3.88 7.40 -19.22
N TRP A 83 2.82 6.95 -18.56
CA TRP A 83 1.49 6.96 -19.14
C TRP A 83 1.08 8.38 -19.55
N GLY A 84 1.18 9.29 -18.60
CA GLY A 84 0.67 10.63 -18.84
C GLY A 84 1.49 11.34 -19.93
N LYS A 85 2.80 11.14 -19.90
CA LYS A 85 3.65 11.84 -20.86
C LYS A 85 3.33 11.38 -22.29
N GLN A 86 2.87 10.14 -22.42
CA GLN A 86 2.70 9.48 -23.71
C GLN A 86 1.47 9.96 -24.46
N TYR A 87 0.52 10.54 -23.74
CA TYR A 87 -0.75 10.93 -24.33
C TYR A 87 -1.06 12.38 -23.98
N GLU A 88 -0.17 12.95 -23.19
CA GLU A 88 -0.14 14.35 -22.90
C GLU A 88 -0.60 15.21 -24.09
N ASN A 89 0.00 15.01 -25.25
CA ASN A 89 -0.16 15.89 -26.39
C ASN A 89 -1.46 15.67 -27.09
N ASP A 90 -1.86 14.40 -27.18
CA ASP A 90 -3.13 14.03 -27.78
C ASP A 90 -4.30 14.63 -27.01
N ALA A 91 -4.24 14.51 -25.68
CA ALA A 91 -5.25 15.14 -24.82
C ALA A 91 -5.32 16.65 -25.01
N ARG A 92 -4.17 17.33 -24.94
CA ARG A 92 -4.06 18.78 -25.26
C ARG A 92 -4.80 19.10 -26.56
N THR A 93 -4.33 18.53 -27.68
CA THR A 93 -4.93 18.81 -29.01
C THR A 93 -6.44 18.47 -29.03
N LEU A 94 -6.84 17.35 -28.43
CA LEU A 94 -8.25 16.96 -28.43
C LEU A 94 -9.12 17.96 -27.73
N PHE A 95 -8.66 18.44 -26.58
CA PHE A 95 -9.38 19.43 -25.80
C PHE A 95 -9.39 20.80 -26.50
N GLU A 96 -8.29 21.12 -27.20
CA GLU A 96 -8.26 22.33 -28.04
C GLU A 96 -9.38 22.20 -29.07
N PHE A 97 -9.16 21.40 -30.12
CA PHE A 97 -10.25 20.98 -31.03
C PHE A 97 -11.65 20.99 -30.38
N THR A 98 -11.81 20.46 -29.16
CA THR A 98 -13.14 20.26 -28.60
C THR A 98 -13.78 21.55 -28.10
N SER A 99 -13.32 22.01 -26.92
CA SER A 99 -13.99 23.06 -26.10
C SER A 99 -14.64 24.24 -26.84
N GLY A 100 -13.94 24.90 -27.78
CA GLY A 100 -12.49 24.79 -27.95
C GLY A 100 -11.89 26.07 -27.38
N VAL A 101 -10.55 26.08 -27.20
CA VAL A 101 -9.76 27.26 -26.78
C VAL A 101 -8.28 27.03 -27.12
N ASN A 102 -7.46 28.08 -27.09
CA ASN A 102 -6.02 27.92 -27.33
C ASN A 102 -5.34 27.67 -25.97
N VAL A 103 -4.53 26.61 -25.91
CA VAL A 103 -3.84 26.25 -24.68
C VAL A 103 -2.35 26.51 -24.83
N THR A 104 -1.87 27.43 -24.01
CA THR A 104 -0.47 27.79 -23.98
C THR A 104 0.14 27.26 -22.68
N GLU A 105 1.37 26.79 -22.74
CA GLU A 105 1.98 26.12 -21.62
C GLU A 105 2.35 27.06 -20.47
N SER A 106 2.16 26.57 -19.25
CA SER A 106 2.66 27.25 -18.05
C SER A 106 3.56 26.29 -17.26
N PRO A 107 4.87 26.62 -17.17
CA PRO A 107 5.81 25.77 -16.41
C PRO A 107 5.46 25.75 -14.91
N ILE A 108 5.53 26.93 -14.28
CA ILE A 108 5.23 27.12 -12.85
C ILE A 108 4.78 28.57 -12.65
N ILE A 109 3.83 28.80 -11.73
CA ILE A 109 3.44 30.16 -11.39
C ILE A 109 3.50 30.32 -9.90
N TYR A 110 4.26 31.30 -9.45
CA TYR A 110 4.26 31.61 -8.04
C TYR A 110 3.20 32.67 -7.78
N ARG A 111 2.68 32.72 -6.55
CA ARG A 111 1.67 33.68 -6.22
C ARG A 111 2.29 35.09 -6.01
N ASP A 112 3.37 35.18 -5.23
CA ASP A 112 4.01 36.48 -4.90
C ASP A 112 5.55 36.32 -4.85
N GLU A 113 6.27 37.39 -4.48
CA GLU A 113 7.74 37.39 -4.47
C GLU A 113 8.28 36.44 -3.44
N SER A 114 7.59 36.22 -2.33
CA SER A 114 8.02 35.22 -1.32
C SER A 114 8.31 33.84 -1.92
N MET A 115 7.68 33.49 -3.03
CA MET A 115 7.91 32.19 -3.70
C MET A 115 7.65 30.94 -2.86
N ARG A 116 6.75 31.07 -1.88
CA ARG A 116 6.38 30.01 -0.95
C ARG A 116 5.26 29.11 -1.49
N THR A 117 4.61 29.58 -2.56
CA THR A 117 3.33 29.07 -3.02
C THR A 117 3.32 29.15 -4.52
N ALA A 118 2.97 28.04 -5.16
CA ALA A 118 2.97 27.95 -6.61
C ALA A 118 2.00 26.89 -7.17
N CYS A 119 1.67 26.98 -8.46
CA CYS A 119 1.09 25.84 -9.19
C CYS A 119 1.85 25.59 -10.50
N SER A 120 1.63 24.43 -11.13
CA SER A 120 2.18 24.10 -12.45
C SER A 120 1.06 23.53 -13.30
N PRO A 121 0.19 24.42 -13.78
CA PRO A 121 -1.03 24.06 -14.47
C PRO A 121 -0.72 23.29 -15.76
N ASP A 122 -1.68 22.52 -16.27
CA ASP A 122 -1.41 21.74 -17.49
C ASP A 122 -1.50 22.64 -18.73
N GLY A 123 -1.98 23.86 -18.51
CA GLY A 123 -1.87 24.97 -19.48
C GLY A 123 -2.61 26.20 -19.02
N LEU A 124 -2.46 27.29 -19.77
CA LEU A 124 -3.31 28.48 -19.61
C LEU A 124 -4.14 28.62 -20.88
N CYS A 125 -5.43 28.99 -20.75
CA CYS A 125 -6.32 29.02 -21.92
C CYS A 125 -6.75 30.44 -22.35
N SER A 126 -6.78 30.66 -23.66
CA SER A 126 -7.27 31.90 -24.26
C SER A 126 -8.41 32.67 -23.64
N ASP A 127 -9.43 32.00 -23.13
CA ASP A 127 -10.54 32.73 -22.56
C ASP A 127 -10.31 33.06 -21.07
N GLY A 128 -9.04 33.13 -20.67
CA GLY A 128 -8.66 33.45 -19.27
C GLY A 128 -8.68 32.31 -18.21
N ASN A 129 -9.15 31.13 -18.60
CA ASN A 129 -9.17 29.97 -17.71
C ASN A 129 -7.85 29.25 -17.70
N GLY A 130 -7.52 28.71 -16.54
CA GLY A 130 -6.51 27.66 -16.42
C GLY A 130 -7.07 26.30 -16.76
N LEU A 131 -6.17 25.32 -16.82
CA LEU A 131 -6.49 24.01 -17.31
C LEU A 131 -5.73 22.91 -16.53
N GLU A 132 -6.50 22.02 -15.88
CA GLU A 132 -6.00 20.74 -15.31
C GLU A 132 -6.44 19.65 -16.29
N LEU A 133 -5.50 19.04 -16.99
CA LEU A 133 -5.83 18.05 -17.98
C LEU A 133 -5.02 16.84 -17.66
N LYS A 134 -5.72 15.77 -17.23
CA LYS A 134 -5.13 14.50 -16.77
C LYS A 134 -5.52 13.37 -17.66
N CYS A 135 -4.57 12.45 -17.85
CA CYS A 135 -4.82 11.16 -18.47
C CYS A 135 -4.75 10.10 -17.33
N PRO A 136 -5.90 9.75 -16.70
CA PRO A 136 -5.87 8.84 -15.50
C PRO A 136 -5.23 7.49 -15.83
N PHE A 137 -4.37 7.01 -14.95
CA PHE A 137 -3.77 5.69 -15.20
C PHE A 137 -4.80 4.63 -15.28
N THR A 138 -5.86 4.75 -14.49
CA THR A 138 -6.98 3.83 -14.64
C THR A 138 -8.27 4.35 -15.31
N SER A 139 -8.78 3.60 -16.28
CA SER A 139 -10.09 3.94 -16.89
C SER A 139 -11.19 4.01 -15.85
N ARG A 140 -11.03 3.23 -14.78
CA ARG A 140 -11.97 3.31 -13.70
C ARG A 140 -12.14 4.78 -13.30
N ASP A 141 -11.04 5.48 -13.04
CA ASP A 141 -11.14 6.87 -12.58
C ASP A 141 -11.74 7.74 -13.66
N PHE A 142 -11.42 7.47 -14.92
CA PHE A 142 -12.02 8.24 -15.99
C PHE A 142 -13.57 8.15 -15.86
N MET A 143 -14.08 6.92 -15.73
CA MET A 143 -15.49 6.62 -15.57
C MET A 143 -16.12 7.28 -14.38
N LYS A 144 -15.44 7.28 -13.24
CA LYS A 144 -15.98 7.92 -12.04
C LYS A 144 -16.39 9.39 -12.34
N PHE A 145 -15.49 10.09 -13.04
CA PHE A 145 -15.65 11.49 -13.43
C PHE A 145 -16.61 11.63 -14.62
N ARG A 146 -16.39 10.88 -15.70
CA ARG A 146 -17.33 10.89 -16.84
C ARG A 146 -18.83 10.79 -16.49
N LEU A 147 -19.15 9.96 -15.50
CA LEU A 147 -20.51 9.72 -15.04
C LEU A 147 -20.99 10.64 -13.93
N GLY A 148 -20.10 10.93 -12.98
CA GLY A 148 -20.51 11.66 -11.79
C GLY A 148 -20.38 13.16 -11.92
N GLY A 149 -19.71 13.60 -12.98
CA GLY A 149 -19.28 15.01 -13.05
C GLY A 149 -18.44 15.34 -11.82
N PHE A 150 -18.37 16.61 -11.45
CA PHE A 150 -17.40 16.97 -10.41
C PHE A 150 -17.76 16.65 -8.97
N GLU A 151 -19.04 16.62 -8.65
CA GLU A 151 -19.45 16.13 -7.32
C GLU A 151 -18.79 14.79 -7.04
N ALA A 152 -18.66 13.99 -8.10
CA ALA A 152 -17.93 12.74 -8.09
C ALA A 152 -16.54 12.90 -7.51
N ILE A 153 -15.77 13.83 -8.04
CA ILE A 153 -14.37 13.84 -7.66
C ILE A 153 -13.88 14.81 -6.58
N LYS A 154 -12.58 14.72 -6.35
CA LYS A 154 -11.93 14.71 -5.03
C LYS A 154 -12.37 15.58 -3.86
N SER A 155 -11.87 15.19 -2.70
CA SER A 155 -11.56 16.16 -1.70
C SER A 155 -10.36 16.94 -2.31
N ALA A 156 -9.42 16.15 -2.85
CA ALA A 156 -8.08 16.60 -3.23
C ALA A 156 -8.07 17.39 -4.51
N TYR A 157 -8.91 16.97 -5.47
CA TYR A 157 -8.99 17.71 -6.72
C TYR A 157 -9.62 19.12 -6.59
N MET A 158 -10.69 19.26 -5.81
CA MET A 158 -11.28 20.58 -5.67
C MET A 158 -10.30 21.55 -5.05
N ALA A 159 -9.73 21.14 -3.91
CA ALA A 159 -8.66 21.86 -3.25
C ALA A 159 -7.52 22.24 -4.20
N GLN A 160 -7.04 21.32 -5.01
CA GLN A 160 -6.02 21.60 -6.01
C GLN A 160 -6.39 22.72 -7.00
N VAL A 161 -7.59 22.62 -7.58
CA VAL A 161 -8.06 23.58 -8.55
C VAL A 161 -8.24 24.99 -7.94
N GLN A 162 -8.83 25.08 -6.75
CA GLN A 162 -9.12 26.35 -6.16
C GLN A 162 -7.79 27.02 -5.83
N TYR A 163 -6.87 26.20 -5.31
CA TYR A 163 -5.54 26.65 -5.01
C TYR A 163 -4.88 27.26 -6.20
N SER A 164 -5.08 26.67 -7.37
CA SER A 164 -4.47 27.22 -8.59
C SER A 164 -5.11 28.57 -8.98
N MET A 165 -6.38 28.78 -8.65
CA MET A 165 -7.01 30.08 -8.83
C MET A 165 -6.52 31.08 -7.81
N TRP A 166 -6.42 30.67 -6.55
CA TRP A 166 -5.74 31.42 -5.52
C TRP A 166 -4.35 31.87 -5.99
N VAL A 167 -3.48 30.94 -6.39
CA VAL A 167 -2.17 31.37 -6.85
C VAL A 167 -2.18 32.32 -8.04
N THR A 168 -3.05 32.09 -9.01
CA THR A 168 -2.99 32.79 -10.26
C THR A 168 -3.96 33.97 -10.36
N ARG A 169 -4.69 34.25 -9.28
CA ARG A 169 -5.78 35.23 -9.26
C ARG A 169 -6.97 35.00 -10.21
N LYS A 170 -6.95 33.94 -11.03
CA LYS A 170 -7.96 33.72 -12.09
C LYS A 170 -9.33 33.29 -11.60
N ASN A 171 -10.37 33.40 -12.43
CA ASN A 171 -11.76 33.19 -11.90
C ASN A 171 -12.44 31.84 -12.20
N ALA A 172 -11.87 31.13 -13.15
CA ALA A 172 -12.42 29.83 -13.51
C ALA A 172 -11.35 28.90 -14.10
N TRP A 173 -11.62 27.60 -14.03
CA TRP A 173 -10.65 26.53 -14.38
C TRP A 173 -11.34 25.39 -15.13
N TYR A 174 -10.75 24.92 -16.21
CA TYR A 174 -11.21 23.67 -16.80
C TYR A 174 -10.57 22.47 -16.10
N PHE A 175 -11.41 21.59 -15.57
CA PHE A 175 -10.94 20.28 -15.08
C PHE A 175 -11.30 19.18 -16.10
N ALA A 176 -10.29 18.66 -16.79
CA ALA A 176 -10.43 17.66 -17.86
C ALA A 176 -9.84 16.30 -17.47
N ASN A 177 -10.41 15.22 -18.05
CA ASN A 177 -9.82 13.84 -18.09
C ASN A 177 -9.79 13.26 -19.50
N TYR A 178 -8.69 12.67 -19.91
CA TYR A 178 -8.69 12.04 -21.20
C TYR A 178 -8.30 10.57 -21.11
N ASP A 179 -9.09 9.71 -21.69
CA ASP A 179 -8.75 8.30 -21.68
C ASP A 179 -8.76 7.78 -23.07
N PRO A 180 -7.60 7.45 -23.59
CA PRO A 180 -7.60 7.10 -24.98
C PRO A 180 -8.12 5.68 -25.20
N ARG A 181 -8.19 4.87 -24.15
CA ARG A 181 -8.64 3.50 -24.25
C ARG A 181 -10.14 3.47 -24.47
N MET A 182 -10.81 4.55 -24.12
CA MET A 182 -12.24 4.66 -24.36
C MET A 182 -12.52 4.52 -25.87
N LYS A 183 -13.47 3.68 -26.22
CA LYS A 183 -13.80 3.49 -27.62
C LYS A 183 -14.37 4.75 -28.27
N ARG A 184 -15.15 5.52 -27.54
CA ARG A 184 -15.53 6.84 -28.02
C ARG A 184 -15.84 7.78 -26.83
N GLU A 185 -15.86 9.09 -27.07
CA GLU A 185 -16.11 10.06 -26.00
C GLU A 185 -15.24 9.82 -24.75
N GLY A 186 -13.94 9.68 -25.02
CA GLY A 186 -12.91 9.61 -24.02
C GLY A 186 -12.32 10.93 -23.56
N LEU A 187 -12.96 12.05 -23.89
CA LEU A 187 -12.67 13.34 -23.24
C LEU A 187 -13.91 13.88 -22.56
N HIS A 188 -13.78 14.11 -21.27
CA HIS A 188 -14.83 14.72 -20.50
C HIS A 188 -14.23 15.91 -19.79
N TYR A 189 -15.02 16.98 -19.57
CA TYR A 189 -14.54 18.18 -18.84
C TYR A 189 -15.61 19.07 -18.22
N VAL A 190 -15.28 19.75 -17.14
CA VAL A 190 -16.17 20.72 -16.50
C VAL A 190 -15.38 22.00 -16.27
N VAL A 191 -16.10 23.11 -16.03
CA VAL A 191 -15.50 24.39 -15.66
C VAL A 191 -15.79 24.58 -14.20
N ILE A 192 -14.74 24.89 -13.42
CA ILE A 192 -14.90 25.10 -11.98
C ILE A 192 -14.71 26.61 -11.70
N GLU A 193 -15.65 27.18 -10.95
CA GLU A 193 -15.65 28.61 -10.67
C GLU A 193 -14.98 28.84 -9.34
N ARG A 194 -14.18 29.91 -9.30
CA ARG A 194 -13.53 30.39 -8.09
C ARG A 194 -14.47 30.42 -6.87
N ASP A 195 -14.20 29.57 -5.88
CA ASP A 195 -15.04 29.50 -4.69
C ASP A 195 -14.45 30.30 -3.54
N GLU A 196 -15.14 31.38 -3.18
CA GLU A 196 -14.55 32.31 -2.24
C GLU A 196 -14.33 31.77 -0.86
N LYS A 197 -15.02 30.71 -0.50
CA LYS A 197 -14.81 30.15 0.82
C LYS A 197 -13.47 29.42 0.89
N TYR A 198 -13.02 28.88 -0.25
CA TYR A 198 -11.69 28.33 -0.37
C TYR A 198 -10.68 29.44 -0.31
N MET A 199 -10.85 30.46 -1.14
CA MET A 199 -9.93 31.57 -1.17
C MET A 199 -9.61 32.07 0.23
N ALA A 200 -10.65 32.21 1.05
CA ALA A 200 -10.51 32.67 2.43
C ALA A 200 -9.72 31.67 3.31
N SER A 201 -9.89 30.39 3.01
CA SER A 201 -9.30 29.29 3.76
C SER A 201 -7.78 29.36 3.54
N PHE A 202 -7.38 29.51 2.27
CA PHE A 202 -6.00 29.64 1.96
C PHE A 202 -5.40 30.86 2.66
N ASP A 203 -6.08 32.00 2.53
CA ASP A 203 -5.64 33.24 3.14
C ASP A 203 -5.34 33.21 4.63
N GLU A 204 -6.07 32.40 5.37
CA GLU A 204 -5.70 32.26 6.77
C GLU A 204 -4.78 31.08 7.09
N ILE A 205 -4.95 29.98 6.37
CA ILE A 205 -4.26 28.73 6.78
C ILE A 205 -2.82 28.62 6.27
N VAL A 206 -2.62 29.08 5.04
CA VAL A 206 -1.35 28.96 4.34
C VAL A 206 -0.30 29.85 4.99
N PRO A 207 -0.61 31.13 5.28
CA PRO A 207 0.40 31.93 6.01
C PRO A 207 0.89 31.33 7.34
N GLU A 208 -0.01 30.80 8.17
CA GLU A 208 0.35 30.18 9.44
C GLU A 208 1.32 29.09 9.19
N PHE A 209 0.96 28.24 8.23
CA PHE A 209 1.75 27.11 7.77
C PHE A 209 3.15 27.53 7.42
N ILE A 210 3.29 28.55 6.58
CA ILE A 210 4.58 29.18 6.28
C ILE A 210 5.31 29.78 7.51
N GLU A 211 4.62 30.39 8.44
CA GLU A 211 5.31 30.87 9.67
C GLU A 211 5.88 29.67 10.40
N LYS A 212 5.10 28.59 10.47
CA LYS A 212 5.53 27.38 11.17
C LYS A 212 6.73 26.68 10.51
N MET A 213 6.85 26.75 9.20
CA MET A 213 8.04 26.16 8.59
C MET A 213 9.25 27.00 8.89
N ASP A 214 9.05 28.31 9.03
CA ASP A 214 10.22 29.20 9.23
C ASP A 214 10.76 29.03 10.64
N GLU A 215 9.83 28.85 11.57
CA GLU A 215 10.14 28.46 12.96
C GLU A 215 10.94 27.17 12.99
N ALA A 216 10.48 26.15 12.29
CA ALA A 216 11.16 24.86 12.30
C ALA A 216 12.56 24.96 11.65
N LEU A 217 12.65 25.67 10.52
CA LEU A 217 13.93 25.80 9.86
C LEU A 217 14.96 26.53 10.76
N ALA A 218 14.52 27.57 11.47
CA ALA A 218 15.41 28.31 12.33
C ALA A 218 15.83 27.41 13.49
N GLU A 219 14.94 26.49 13.93
CA GLU A 219 15.30 25.63 15.07
C GLU A 219 16.51 24.77 14.75
N ILE A 220 16.77 24.57 13.48
CA ILE A 220 17.83 23.69 13.04
C ILE A 220 18.79 24.45 12.15
N GLY A 221 18.74 25.78 12.25
CA GLY A 221 19.66 26.67 11.57
C GLY A 221 19.65 26.55 10.07
N PHE A 222 18.47 26.39 9.51
CA PHE A 222 18.28 26.49 8.07
C PHE A 222 17.39 27.68 7.77
N VAL A 223 17.37 28.11 6.50
CA VAL A 223 16.59 29.24 6.04
C VAL A 223 15.94 28.90 4.69
N PHE A 224 14.65 29.15 4.56
CA PHE A 224 14.02 28.86 3.28
C PHE A 224 14.83 29.57 2.21
N GLY A 225 14.97 28.93 1.06
CA GLY A 225 15.74 29.45 -0.04
C GLY A 225 17.08 28.77 -0.25
N GLU A 226 17.59 28.12 0.81
CA GLU A 226 18.92 27.45 0.77
C GLU A 226 18.98 26.38 -0.28
N GLN A 227 17.82 25.84 -0.62
CA GLN A 227 17.72 24.73 -1.57
C GLN A 227 17.98 25.15 -3.01
N TRP A 228 18.14 26.45 -3.26
CA TRP A 228 18.42 26.94 -4.60
C TRP A 228 19.86 27.43 -4.77
N ARG A 229 20.69 27.23 -3.74
CA ARG A 229 22.09 27.58 -3.87
C ARG A 229 22.86 26.69 -4.88
N MET B 4 -27.02 -22.60 -20.50
CA MET B 4 -25.90 -22.14 -21.37
C MET B 4 -25.33 -23.32 -22.14
N THR B 5 -24.38 -23.02 -23.03
CA THR B 5 -23.68 -24.01 -23.83
C THR B 5 -22.42 -23.31 -24.30
N PRO B 6 -21.39 -24.10 -24.67
CA PRO B 6 -20.27 -23.49 -25.38
C PRO B 6 -20.69 -22.95 -26.73
N ASP B 7 -21.90 -23.29 -27.18
CA ASP B 7 -22.44 -22.76 -28.43
C ASP B 7 -22.95 -21.33 -28.26
N ILE B 8 -23.77 -21.12 -27.23
CA ILE B 8 -24.38 -19.82 -27.05
C ILE B 8 -23.29 -18.77 -26.79
N ILE B 9 -22.27 -19.13 -26.00
CA ILE B 9 -21.15 -18.21 -25.75
C ILE B 9 -20.50 -17.70 -27.04
N LEU B 10 -20.38 -18.58 -28.03
CA LEU B 10 -19.86 -18.22 -29.34
C LEU B 10 -20.68 -17.09 -29.99
N GLN B 11 -22.01 -17.18 -30.01
CA GLN B 11 -22.87 -16.16 -30.65
C GLN B 11 -22.56 -14.77 -30.11
N ARG B 12 -22.23 -14.70 -28.83
CA ARG B 12 -22.24 -13.44 -28.11
C ARG B 12 -20.94 -12.76 -28.17
N THR B 13 -19.88 -13.57 -28.26
CA THR B 13 -18.51 -13.14 -28.02
C THR B 13 -17.58 -13.57 -29.18
N GLY B 14 -18.12 -14.34 -30.10
CA GLY B 14 -17.34 -14.92 -31.19
C GLY B 14 -16.25 -15.90 -30.74
N ILE B 15 -16.04 -16.02 -29.43
CA ILE B 15 -14.96 -16.85 -28.87
C ILE B 15 -15.39 -18.30 -28.63
N ASP B 16 -14.52 -19.26 -28.99
CA ASP B 16 -14.76 -20.66 -28.60
C ASP B 16 -14.07 -20.97 -27.30
N VAL B 17 -14.86 -21.55 -26.39
CA VAL B 17 -14.50 -21.71 -24.98
C VAL B 17 -13.89 -23.06 -24.64
N ARG B 18 -14.08 -24.05 -25.52
CA ARG B 18 -13.59 -25.41 -25.32
C ARG B 18 -12.06 -25.46 -25.42
N ALA B 19 -11.50 -24.55 -26.21
CA ALA B 19 -10.04 -24.46 -26.40
C ALA B 19 -9.45 -23.18 -25.75
N VAL B 20 -9.58 -23.10 -24.44
CA VAL B 20 -9.23 -21.89 -23.69
C VAL B 20 -8.59 -22.28 -22.37
N GLU B 21 -7.57 -21.54 -21.93
CA GLU B 21 -6.86 -21.85 -20.67
C GLU B 21 -7.01 -20.79 -19.60
N GLN B 22 -7.28 -21.17 -18.35
CA GLN B 22 -7.34 -20.17 -17.27
C GLN B 22 -6.09 -19.29 -17.39
N GLY B 23 -6.29 -18.01 -17.74
CA GLY B 23 -5.17 -17.06 -17.91
C GLY B 23 -4.98 -16.41 -19.27
N ASP B 24 -5.20 -17.14 -20.36
CA ASP B 24 -4.90 -16.58 -21.69
C ASP B 24 -5.79 -15.43 -22.17
N ASP B 25 -5.56 -15.03 -23.42
CA ASP B 25 -6.16 -13.85 -23.98
C ASP B 25 -7.67 -13.98 -23.94
N ALA B 26 -8.17 -15.12 -24.40
CA ALA B 26 -9.58 -15.30 -24.63
C ALA B 26 -10.31 -15.37 -23.31
N TRP B 27 -9.68 -16.04 -22.35
CA TRP B 27 -10.16 -16.10 -20.96
C TRP B 27 -10.39 -14.69 -20.38
N HIS B 28 -9.45 -13.79 -20.63
CA HIS B 28 -9.58 -12.47 -20.13
C HIS B 28 -10.72 -11.73 -20.76
N LYS B 29 -10.94 -11.89 -22.06
CA LYS B 29 -11.97 -11.17 -22.77
C LYS B 29 -13.34 -11.68 -22.38
N LEU B 30 -13.41 -12.98 -22.10
CA LEU B 30 -14.69 -13.57 -21.68
C LEU B 30 -15.26 -12.95 -20.40
N ARG B 31 -14.39 -12.36 -19.58
CA ARG B 31 -14.76 -11.91 -18.25
C ARG B 31 -15.05 -10.43 -18.27
N LEU B 32 -14.73 -9.78 -19.38
CA LEU B 32 -14.92 -8.32 -19.46
C LEU B 32 -16.36 -7.92 -19.11
N GLY B 33 -16.49 -7.04 -18.10
CA GLY B 33 -17.76 -6.40 -17.74
C GLY B 33 -18.64 -7.29 -16.90
N VAL B 34 -18.13 -8.48 -16.59
CA VAL B 34 -18.90 -9.52 -15.93
C VAL B 34 -18.59 -9.61 -14.42
N ILE B 35 -19.60 -9.77 -13.59
CA ILE B 35 -19.46 -9.90 -12.17
C ILE B 35 -18.95 -11.29 -11.84
N THR B 36 -17.71 -11.35 -11.36
CA THR B 36 -16.95 -12.58 -11.22
C THR B 36 -16.87 -12.93 -9.74
N ALA B 37 -16.72 -14.21 -9.42
CA ALA B 37 -16.62 -14.65 -8.03
C ALA B 37 -15.47 -14.03 -7.30
N SER B 38 -14.33 -13.88 -7.96
CA SER B 38 -13.10 -13.21 -7.38
C SER B 38 -13.28 -11.75 -6.99
N GLU B 39 -14.23 -11.08 -7.62
CA GLU B 39 -14.44 -9.66 -7.30
C GLU B 39 -15.72 -9.37 -6.55
N VAL B 40 -16.52 -10.42 -6.28
CA VAL B 40 -17.88 -10.17 -5.85
C VAL B 40 -17.93 -9.66 -4.42
N HIS B 41 -16.86 -9.87 -3.62
CA HIS B 41 -16.86 -9.28 -2.30
C HIS B 41 -17.17 -7.78 -2.31
N ASN B 42 -16.84 -7.13 -3.42
CA ASN B 42 -17.05 -5.68 -3.62
C ASN B 42 -18.54 -5.40 -3.80
N VAL B 43 -19.24 -6.24 -4.55
CA VAL B 43 -20.69 -6.05 -4.81
C VAL B 43 -21.52 -6.20 -3.51
N ILE B 44 -21.08 -7.02 -2.55
CA ILE B 44 -21.91 -7.20 -1.34
C ILE B 44 -21.41 -6.39 -0.17
N ALA B 45 -20.41 -5.53 -0.42
CA ALA B 45 -19.85 -4.69 0.61
C ALA B 45 -20.90 -3.66 1.03
N LYS B 46 -21.05 -3.49 2.34
CA LYS B 46 -22.07 -2.59 2.89
C LYS B 46 -21.50 -1.42 3.69
N PRO B 47 -22.17 -0.25 3.68
CA PRO B 47 -21.74 0.80 4.61
C PRO B 47 -22.16 0.48 6.05
N ARG B 48 -21.41 1.01 7.01
CA ARG B 48 -21.71 0.84 8.43
C ARG B 48 -22.96 1.62 8.85
N SER B 49 -23.36 2.56 7.98
CA SER B 49 -24.55 3.38 8.14
C SER B 49 -24.97 3.98 6.79
N GLY B 50 -26.28 4.11 6.59
CA GLY B 50 -26.85 4.59 5.32
C GLY B 50 -27.05 3.49 4.29
N LYS B 51 -27.33 3.91 3.05
CA LYS B 51 -27.47 3.00 1.92
C LYS B 51 -26.43 3.34 0.81
N LYS B 52 -25.50 4.23 1.14
CA LYS B 52 -24.40 4.63 0.26
C LYS B 52 -23.32 3.52 0.05
N TRP B 53 -23.21 3.06 -1.19
CA TRP B 53 -22.18 2.14 -1.64
C TRP B 53 -20.79 2.61 -1.24
N PRO B 54 -20.06 1.77 -0.51
CA PRO B 54 -18.76 2.19 -0.08
C PRO B 54 -17.83 2.29 -1.27
N ASP B 55 -16.72 2.98 -1.09
CA ASP B 55 -15.79 3.28 -2.17
C ASP B 55 -15.36 2.06 -2.96
N MET B 56 -15.02 1.00 -2.22
CA MET B 56 -14.60 -0.20 -2.84
C MET B 56 -15.67 -0.80 -3.73
N LYS B 57 -16.95 -0.58 -3.40
CA LYS B 57 -18.05 -1.05 -4.26
C LYS B 57 -18.26 -0.14 -5.47
N MET B 58 -18.14 1.16 -5.25
CA MET B 58 -18.15 2.14 -6.36
C MET B 58 -17.03 1.88 -7.36
N SER B 59 -15.83 1.59 -6.84
CA SER B 59 -14.61 1.45 -7.63
C SER B 59 -14.77 0.26 -8.52
N TYR B 60 -15.38 -0.80 -7.99
CA TYR B 60 -15.69 -1.98 -8.80
C TYR B 60 -16.74 -1.72 -9.89
N PHE B 61 -17.82 -1.08 -9.47
CA PHE B 61 -18.81 -0.52 -10.39
C PHE B 61 -18.15 0.20 -11.55
N HIS B 62 -17.28 1.18 -11.27
CA HIS B 62 -16.66 1.95 -12.39
C HIS B 62 -15.59 1.15 -13.09
N THR B 63 -15.01 0.22 -12.37
CA THR B 63 -14.10 -0.69 -13.03
C THR B 63 -14.73 -1.54 -14.13
N LEU B 64 -15.79 -2.26 -13.82
CA LEU B 64 -16.55 -3.01 -14.81
C LEU B 64 -17.14 -2.11 -15.94
N LEU B 65 -17.71 -0.95 -15.59
CA LEU B 65 -18.16 -0.05 -16.65
C LEU B 65 -17.05 0.29 -17.61
N ALA B 66 -15.85 0.60 -17.12
CA ALA B 66 -14.71 0.84 -18.01
C ALA B 66 -14.40 -0.39 -18.85
N GLU B 67 -14.48 -1.56 -18.21
CA GLU B 67 -14.27 -2.76 -19.01
C GLU B 67 -15.21 -2.86 -20.19
N VAL B 68 -16.46 -2.54 -20.00
CA VAL B 68 -17.42 -2.51 -21.12
C VAL B 68 -17.12 -1.40 -22.19
N CYS B 69 -16.82 -0.22 -21.73
CA CYS B 69 -16.69 0.90 -22.64
C CYS B 69 -15.32 0.99 -23.32
N THR B 70 -14.30 0.33 -22.77
CA THR B 70 -12.96 0.34 -23.40
C THR B 70 -12.67 -1.01 -24.09
N GLY B 71 -13.34 -2.07 -23.66
CA GLY B 71 -13.04 -3.40 -24.18
C GLY B 71 -11.68 -3.93 -23.78
N VAL B 72 -10.99 -3.27 -22.84
CA VAL B 72 -9.80 -3.86 -22.23
C VAL B 72 -9.89 -4.02 -20.71
N ALA B 73 -9.01 -4.83 -20.15
CA ALA B 73 -8.67 -4.73 -18.71
C ALA B 73 -7.16 -4.48 -18.57
N PRO B 74 -6.77 -3.65 -17.61
CA PRO B 74 -5.36 -3.40 -17.30
C PRO B 74 -4.68 -4.67 -16.84
N GLU B 75 -3.45 -4.87 -17.29
CA GLU B 75 -2.69 -6.08 -16.96
C GLU B 75 -2.16 -5.90 -15.55
N VAL B 76 -2.35 -6.88 -14.69
CA VAL B 76 -1.95 -6.73 -13.30
C VAL B 76 -0.96 -7.82 -12.97
N ASN B 77 0.31 -7.48 -12.84
CA ASN B 77 1.16 -8.49 -12.28
C ASN B 77 1.61 -8.13 -10.89
N ALA B 78 1.59 -9.13 -10.01
CA ALA B 78 2.07 -8.99 -8.64
C ALA B 78 2.74 -10.32 -8.32
N LYS B 79 3.83 -10.22 -7.56
CA LYS B 79 4.62 -11.34 -7.11
C LYS B 79 3.67 -12.47 -6.56
N ALA B 80 2.78 -12.08 -5.65
CA ALA B 80 1.85 -12.93 -4.89
C ALA B 80 0.82 -13.62 -5.74
N LEU B 81 0.41 -12.98 -6.81
CA LEU B 81 -0.50 -13.58 -7.73
C LEU B 81 0.23 -14.58 -8.61
N ALA B 82 1.45 -14.23 -9.04
CA ALA B 82 2.24 -15.12 -9.90
C ALA B 82 2.59 -16.44 -9.20
N TRP B 83 2.89 -16.33 -7.91
CA TRP B 83 3.04 -17.47 -7.01
C TRP B 83 1.81 -18.35 -6.91
N GLY B 84 0.64 -17.72 -6.77
CA GLY B 84 -0.61 -18.47 -6.77
C GLY B 84 -0.78 -19.23 -8.07
N LYS B 85 -0.37 -18.61 -9.16
CA LYS B 85 -0.47 -19.27 -10.45
C LYS B 85 0.56 -20.38 -10.65
N GLN B 86 1.76 -20.13 -10.15
CA GLN B 86 2.86 -21.04 -10.34
C GLN B 86 2.53 -22.38 -9.63
N TYR B 87 1.99 -22.29 -8.42
CA TYR B 87 1.76 -23.48 -7.60
C TYR B 87 0.36 -24.08 -7.67
N GLU B 88 -0.48 -23.51 -8.52
CA GLU B 88 -1.85 -24.00 -8.57
C GLU B 88 -1.94 -25.47 -8.99
N ASN B 89 -1.24 -25.85 -10.06
CA ASN B 89 -1.16 -27.23 -10.55
C ASN B 89 -0.73 -28.27 -9.55
N ASP B 90 0.26 -27.95 -8.73
CA ASP B 90 0.74 -28.82 -7.70
C ASP B 90 -0.25 -28.93 -6.56
N ALA B 91 -0.92 -27.82 -6.25
CA ALA B 91 -1.94 -27.86 -5.24
C ALA B 91 -3.03 -28.82 -5.69
N ARG B 92 -3.50 -28.64 -6.93
CA ARG B 92 -4.54 -29.49 -7.46
C ARG B 92 -4.18 -30.97 -7.34
N THR B 93 -3.00 -31.37 -7.83
CA THR B 93 -2.61 -32.78 -7.84
C THR B 93 -2.54 -33.33 -6.40
N LEU B 94 -1.84 -32.63 -5.52
CA LEU B 94 -1.81 -32.99 -4.13
C LEU B 94 -3.24 -33.16 -3.59
N PHE B 95 -4.16 -32.32 -4.03
CA PHE B 95 -5.48 -32.28 -3.43
C PHE B 95 -6.24 -33.54 -3.78
N GLU B 96 -6.11 -33.90 -5.04
CA GLU B 96 -6.67 -35.09 -5.60
C GLU B 96 -6.15 -36.36 -4.95
N PHE B 97 -4.84 -36.43 -4.77
CA PHE B 97 -4.26 -37.56 -4.08
C PHE B 97 -4.84 -37.72 -2.70
N THR B 98 -4.91 -36.63 -1.94
CA THR B 98 -5.37 -36.67 -0.55
C THR B 98 -6.88 -36.86 -0.38
N SER B 99 -7.69 -36.21 -1.19
CA SER B 99 -9.15 -36.29 -1.03
C SER B 99 -9.60 -37.53 -1.74
N GLY B 100 -8.84 -37.92 -2.75
CA GLY B 100 -9.15 -39.12 -3.48
C GLY B 100 -10.24 -38.86 -4.49
N VAL B 101 -10.49 -37.60 -4.83
CA VAL B 101 -11.48 -37.31 -5.91
C VAL B 101 -10.78 -36.93 -7.19
N ASN B 102 -11.47 -37.08 -8.29
CA ASN B 102 -10.93 -36.59 -9.53
C ASN B 102 -11.43 -35.15 -9.76
N VAL B 103 -10.53 -34.30 -10.23
CA VAL B 103 -10.86 -32.94 -10.57
C VAL B 103 -10.78 -32.79 -12.08
N THR B 104 -11.83 -32.16 -12.63
CA THR B 104 -11.98 -31.81 -14.04
C THR B 104 -11.89 -30.29 -14.15
N GLU B 105 -11.00 -29.79 -15.00
CA GLU B 105 -10.82 -28.36 -15.06
C GLU B 105 -11.96 -27.66 -15.81
N SER B 106 -12.41 -26.54 -15.25
CA SER B 106 -13.51 -25.85 -15.83
C SER B 106 -13.13 -24.50 -16.39
N PRO B 107 -13.49 -24.26 -17.65
CA PRO B 107 -13.19 -22.95 -18.26
C PRO B 107 -13.73 -21.75 -17.41
N ILE B 108 -14.99 -21.36 -17.66
CA ILE B 108 -15.69 -20.24 -16.99
C ILE B 108 -17.15 -20.66 -17.02
N ILE B 109 -17.92 -20.32 -16.01
CA ILE B 109 -19.31 -20.71 -16.05
C ILE B 109 -20.20 -19.52 -15.77
N TYR B 110 -21.19 -19.29 -16.60
CA TYR B 110 -22.08 -18.13 -16.36
C TYR B 110 -23.34 -18.61 -15.63
N ARG B 111 -23.96 -17.78 -14.82
CA ARG B 111 -25.22 -18.23 -14.20
C ARG B 111 -26.37 -18.43 -15.18
N ASP B 112 -26.58 -17.48 -16.08
CA ASP B 112 -27.77 -17.45 -16.95
C ASP B 112 -27.47 -16.85 -18.34
N GLU B 113 -28.53 -16.72 -19.15
CA GLU B 113 -28.45 -16.33 -20.58
C GLU B 113 -27.89 -14.94 -20.71
N SER B 114 -28.20 -14.08 -19.72
CA SER B 114 -27.71 -12.70 -19.65
C SER B 114 -26.16 -12.60 -19.63
N MET B 115 -25.48 -13.57 -19.07
CA MET B 115 -24.00 -13.53 -19.13
C MET B 115 -23.35 -12.40 -18.32
N ARG B 116 -24.05 -11.95 -17.29
CA ARG B 116 -23.65 -10.82 -16.53
C ARG B 116 -22.91 -11.25 -15.27
N THR B 117 -23.02 -12.55 -14.97
CA THR B 117 -22.58 -13.14 -13.71
C THR B 117 -21.87 -14.44 -14.08
N ALA B 118 -20.70 -14.70 -13.48
CA ALA B 118 -19.85 -15.86 -13.77
C ALA B 118 -18.82 -16.24 -12.67
N CYS B 119 -18.40 -17.51 -12.63
CA CYS B 119 -17.19 -17.88 -11.90
C CYS B 119 -16.27 -18.68 -12.81
N SER B 120 -15.01 -18.75 -12.38
CA SER B 120 -14.01 -19.61 -12.96
C SER B 120 -13.49 -20.61 -11.90
N PRO B 121 -14.10 -21.76 -11.83
CA PRO B 121 -13.69 -22.66 -10.74
C PRO B 121 -12.26 -23.16 -10.91
N ASP B 122 -11.54 -23.39 -9.82
CA ASP B 122 -10.30 -24.19 -9.94
C ASP B 122 -10.55 -25.69 -10.23
N GLY B 123 -11.80 -26.14 -10.15
CA GLY B 123 -12.19 -27.37 -10.84
C GLY B 123 -13.54 -27.89 -10.44
N LEU B 124 -14.03 -28.89 -11.18
CA LEU B 124 -15.26 -29.57 -10.81
C LEU B 124 -14.89 -30.99 -10.37
N CYS B 125 -15.30 -31.42 -9.18
CA CYS B 125 -14.87 -32.74 -8.66
C CYS B 125 -15.82 -33.87 -8.91
N SER B 126 -15.28 -35.09 -8.94
CA SER B 126 -16.04 -36.27 -9.35
C SER B 126 -17.23 -36.54 -8.48
N ASP B 127 -17.25 -35.92 -7.30
CA ASP B 127 -18.33 -36.09 -6.31
C ASP B 127 -19.32 -34.95 -6.40
N GLY B 128 -19.18 -34.13 -7.44
CA GLY B 128 -20.13 -33.04 -7.73
C GLY B 128 -19.82 -31.72 -7.01
N ASN B 129 -18.83 -31.69 -6.09
CA ASN B 129 -18.44 -30.42 -5.44
C ASN B 129 -17.55 -29.57 -6.34
N GLY B 130 -17.64 -28.26 -6.26
CA GLY B 130 -16.62 -27.46 -6.91
C GLY B 130 -15.36 -27.28 -6.09
N LEU B 131 -14.31 -26.72 -6.70
CA LEU B 131 -13.03 -26.60 -6.00
C LEU B 131 -12.37 -25.22 -6.09
N GLU B 132 -12.02 -24.62 -4.96
CA GLU B 132 -11.26 -23.38 -4.94
C GLU B 132 -9.92 -23.67 -4.32
N LEU B 133 -8.85 -23.40 -5.08
CA LEU B 133 -7.46 -23.47 -4.56
C LEU B 133 -6.79 -22.14 -4.30
N LYS B 134 -6.17 -22.07 -3.12
CA LYS B 134 -5.36 -20.94 -2.73
C LYS B 134 -3.95 -21.45 -2.55
N CYS B 135 -2.95 -20.74 -3.08
CA CYS B 135 -1.54 -20.93 -2.73
C CYS B 135 -1.09 -19.57 -2.30
N PRO B 136 -1.17 -19.33 -1.00
CA PRO B 136 -0.96 -18.06 -0.39
C PRO B 136 0.47 -17.69 -0.59
N PHE B 137 0.74 -16.41 -0.81
CA PHE B 137 2.09 -15.98 -1.08
C PHE B 137 2.87 -15.95 0.17
N THR B 138 2.19 -15.64 1.30
CA THR B 138 2.81 -15.64 2.58
C THR B 138 2.51 -16.94 3.35
N SER B 139 3.54 -17.59 3.93
CA SER B 139 3.30 -18.80 4.72
C SER B 139 2.53 -18.43 5.97
N ARG B 140 2.63 -17.17 6.34
CA ARG B 140 1.81 -16.68 7.42
C ARG B 140 0.31 -16.88 7.16
N ASP B 141 -0.11 -16.72 5.91
CA ASP B 141 -1.54 -16.86 5.66
C ASP B 141 -1.95 -18.32 5.57
N PHE B 142 -1.06 -19.14 5.06
CA PHE B 142 -1.29 -20.57 5.08
C PHE B 142 -1.58 -21.07 6.47
N MET B 143 -0.76 -20.63 7.44
CA MET B 143 -0.85 -20.99 8.85
C MET B 143 -2.12 -20.57 9.52
N LYS B 144 -2.53 -19.34 9.22
CA LYS B 144 -3.83 -18.82 9.60
C LYS B 144 -4.96 -19.80 9.21
N PHE B 145 -4.86 -20.40 8.05
CA PHE B 145 -5.96 -21.28 7.64
C PHE B 145 -5.77 -22.72 8.20
N ARG B 146 -4.53 -23.19 8.23
CA ARG B 146 -4.19 -24.49 8.78
C ARG B 146 -4.65 -24.68 10.23
N LEU B 147 -4.70 -23.61 11.02
CA LEU B 147 -5.11 -23.70 12.42
C LEU B 147 -6.56 -23.36 12.69
N GLY B 148 -7.05 -22.33 12.02
CA GLY B 148 -8.31 -21.75 12.40
C GLY B 148 -9.41 -22.36 11.58
N GLY B 149 -9.01 -23.02 10.48
CA GLY B 149 -9.92 -23.66 9.48
C GLY B 149 -11.06 -22.77 8.98
N PHE B 150 -12.30 -23.26 9.07
CA PHE B 150 -13.47 -22.54 8.58
C PHE B 150 -13.52 -21.12 9.16
N GLU B 151 -13.48 -21.03 10.48
CA GLU B 151 -13.38 -19.76 11.24
C GLU B 151 -12.62 -18.60 10.56
N ALA B 152 -11.49 -18.95 9.94
CA ALA B 152 -10.47 -18.00 9.52
C ALA B 152 -10.30 -17.96 7.98
N ILE B 153 -11.33 -18.35 7.24
CA ILE B 153 -11.40 -18.08 5.82
C ILE B 153 -11.77 -16.59 5.65
N LYS B 154 -11.06 -15.90 4.77
CA LYS B 154 -11.29 -14.46 4.60
C LYS B 154 -12.68 -14.26 4.03
N SER B 155 -13.37 -13.23 4.50
CA SER B 155 -14.72 -12.99 4.01
C SER B 155 -14.80 -12.86 2.49
N ALA B 156 -13.76 -12.31 1.89
CA ALA B 156 -13.71 -12.17 0.45
C ALA B 156 -13.72 -13.53 -0.25
N TYR B 157 -13.11 -14.49 0.41
CA TYR B 157 -12.92 -15.81 -0.14
C TYR B 157 -14.22 -16.55 0.01
N MET B 158 -14.90 -16.29 1.14
CA MET B 158 -16.18 -16.86 1.37
C MET B 158 -17.15 -16.40 0.31
N ALA B 159 -17.13 -15.10 -0.03
CA ALA B 159 -18.14 -14.54 -0.93
C ALA B 159 -17.90 -15.13 -2.27
N GLN B 160 -16.63 -15.32 -2.57
CA GLN B 160 -16.17 -15.99 -3.77
C GLN B 160 -16.69 -17.42 -3.93
N VAL B 161 -16.52 -18.23 -2.87
CA VAL B 161 -16.99 -19.61 -2.89
C VAL B 161 -18.54 -19.67 -2.98
N GLN B 162 -19.21 -18.88 -2.15
CA GLN B 162 -20.65 -18.84 -2.09
C GLN B 162 -21.22 -18.41 -3.43
N TYR B 163 -20.69 -17.31 -3.97
CA TYR B 163 -21.07 -16.89 -5.29
C TYR B 163 -20.86 -17.98 -6.33
N SER B 164 -19.86 -18.83 -6.15
CA SER B 164 -19.59 -19.79 -7.20
C SER B 164 -20.71 -20.85 -7.13
N MET B 165 -21.19 -21.17 -5.91
CA MET B 165 -22.38 -22.03 -5.75
C MET B 165 -23.64 -21.40 -6.29
N TRP B 166 -23.79 -20.11 -6.01
CA TRP B 166 -24.89 -19.33 -6.51
C TRP B 166 -24.97 -19.42 -8.02
N VAL B 167 -23.83 -19.36 -8.70
CA VAL B 167 -23.75 -19.41 -10.16
C VAL B 167 -23.91 -20.81 -10.73
N THR B 168 -23.38 -21.82 -10.06
CA THR B 168 -23.33 -23.12 -10.69
C THR B 168 -24.51 -23.96 -10.17
N ARG B 169 -25.21 -23.43 -9.17
CA ARG B 169 -26.27 -24.08 -8.47
C ARG B 169 -25.78 -25.24 -7.59
N LYS B 170 -24.48 -25.32 -7.34
CA LYS B 170 -23.95 -26.43 -6.56
C LYS B 170 -24.16 -26.32 -5.04
N ASN B 171 -23.97 -27.44 -4.35
CA ASN B 171 -24.38 -27.55 -2.93
C ASN B 171 -23.23 -27.48 -1.99
N ALA B 172 -22.05 -27.67 -2.52
CA ALA B 172 -20.87 -27.66 -1.64
C ALA B 172 -19.62 -27.46 -2.47
N TRP B 173 -18.57 -27.02 -1.82
CA TRP B 173 -17.35 -26.58 -2.51
C TRP B 173 -16.14 -26.87 -1.67
N TYR B 174 -15.13 -27.47 -2.27
CA TYR B 174 -13.85 -27.65 -1.59
C TYR B 174 -13.06 -26.36 -1.55
N PHE B 175 -12.45 -26.05 -0.41
CA PHE B 175 -11.58 -24.87 -0.32
C PHE B 175 -10.22 -25.34 0.20
N ALA B 176 -9.23 -25.43 -0.68
CA ALA B 176 -7.91 -25.99 -0.35
C ALA B 176 -6.72 -24.99 -0.43
N ASN B 177 -5.85 -25.00 0.56
CA ASN B 177 -4.73 -24.05 0.67
C ASN B 177 -3.47 -24.88 0.67
N TYR B 178 -2.51 -24.49 -0.17
CA TYR B 178 -1.28 -25.21 -0.39
C TYR B 178 -0.09 -24.29 -0.27
N ASP B 179 0.91 -24.77 0.45
CA ASP B 179 2.19 -24.08 0.57
C ASP B 179 3.35 -25.03 0.42
N PRO B 180 4.10 -24.91 -0.72
CA PRO B 180 5.18 -25.82 -1.00
C PRO B 180 6.39 -25.58 -0.14
N ARG B 181 6.38 -24.55 0.71
CA ARG B 181 7.47 -24.27 1.64
C ARG B 181 7.26 -24.95 2.99
N MET B 182 6.04 -25.43 3.24
CA MET B 182 5.81 -26.26 4.43
C MET B 182 6.59 -27.58 4.31
N LYS B 183 7.33 -27.89 5.39
CA LYS B 183 8.07 -29.15 5.50
C LYS B 183 7.12 -30.32 5.50
N ARG B 184 5.97 -30.08 6.13
CA ARG B 184 4.90 -31.05 6.32
C ARG B 184 3.63 -30.23 6.42
N GLU B 185 2.47 -30.88 6.24
CA GLU B 185 1.18 -30.28 6.52
C GLU B 185 0.94 -29.12 5.58
N GLY B 186 1.36 -29.29 4.34
CA GLY B 186 1.41 -28.19 3.39
C GLY B 186 0.17 -28.17 2.55
N LEU B 187 -0.75 -29.07 2.88
CA LEU B 187 -2.08 -29.08 2.28
C LEU B 187 -3.13 -29.23 3.34
N HIS B 188 -4.20 -28.47 3.20
CA HIS B 188 -5.31 -28.49 4.14
C HIS B 188 -6.48 -27.92 3.37
N TYR B 189 -7.62 -28.56 3.52
CA TYR B 189 -8.82 -28.13 2.82
C TYR B 189 -10.02 -28.33 3.74
N VAL B 190 -11.12 -27.63 3.45
CA VAL B 190 -12.39 -27.94 4.11
C VAL B 190 -13.44 -28.06 3.04
N VAL B 191 -14.68 -28.34 3.43
CA VAL B 191 -15.81 -28.30 2.50
C VAL B 191 -16.68 -27.19 2.99
N ILE B 192 -17.09 -26.32 2.07
CA ILE B 192 -17.98 -25.24 2.42
C ILE B 192 -19.34 -25.58 1.85
N GLU B 193 -20.33 -25.55 2.73
CA GLU B 193 -21.71 -25.86 2.37
C GLU B 193 -22.35 -24.62 1.78
N ARG B 194 -23.19 -24.80 0.77
CA ARG B 194 -24.02 -23.72 0.26
C ARG B 194 -24.72 -23.04 1.44
N ASP B 195 -24.60 -21.71 1.55
CA ASP B 195 -25.22 -20.95 2.65
C ASP B 195 -26.28 -20.00 2.06
N GLU B 196 -27.52 -20.07 2.59
CA GLU B 196 -28.65 -19.42 1.94
C GLU B 196 -28.80 -17.94 2.33
N LYS B 197 -28.13 -17.51 3.40
CA LYS B 197 -28.00 -16.09 3.70
C LYS B 197 -27.29 -15.45 2.51
N TYR B 198 -26.14 -16.03 2.11
CA TYR B 198 -25.42 -15.56 0.92
C TYR B 198 -26.27 -15.59 -0.34
N MET B 199 -26.90 -16.75 -0.60
CA MET B 199 -27.78 -16.88 -1.74
C MET B 199 -28.84 -15.76 -1.77
N ALA B 200 -29.45 -15.50 -0.63
CA ALA B 200 -30.49 -14.48 -0.57
C ALA B 200 -29.86 -13.09 -0.83
N SER B 201 -28.68 -12.89 -0.29
CA SER B 201 -27.95 -11.62 -0.46
C SER B 201 -27.66 -11.37 -1.93
N PHE B 202 -27.28 -12.41 -2.69
CA PHE B 202 -26.95 -12.24 -4.08
C PHE B 202 -28.21 -12.02 -4.89
N ASP B 203 -29.28 -12.75 -4.55
CA ASP B 203 -30.56 -12.57 -5.22
C ASP B 203 -31.01 -11.13 -5.13
N GLU B 204 -30.82 -10.51 -3.97
CA GLU B 204 -31.18 -9.12 -3.76
C GLU B 204 -30.19 -8.18 -4.45
N ILE B 205 -28.91 -8.34 -4.11
CA ILE B 205 -27.91 -7.29 -4.40
C ILE B 205 -27.38 -7.30 -5.82
N VAL B 206 -27.19 -8.47 -6.41
CA VAL B 206 -26.56 -8.57 -7.72
C VAL B 206 -27.43 -7.99 -8.84
N PRO B 207 -28.73 -8.42 -8.96
CA PRO B 207 -29.65 -7.79 -9.95
C PRO B 207 -29.70 -6.27 -9.88
N GLU B 208 -29.63 -5.70 -8.71
CA GLU B 208 -29.58 -4.25 -8.54
C GLU B 208 -28.32 -3.64 -9.15
N PHE B 209 -27.19 -4.22 -8.77
CA PHE B 209 -25.90 -3.76 -9.23
C PHE B 209 -25.89 -3.78 -10.75
N ILE B 210 -26.35 -4.88 -11.34
CA ILE B 210 -26.57 -4.94 -12.82
C ILE B 210 -27.51 -3.85 -13.41
N GLU B 211 -28.62 -3.55 -12.72
CA GLU B 211 -29.53 -2.48 -13.17
C GLU B 211 -28.78 -1.17 -13.13
N LYS B 212 -28.15 -0.91 -12.00
CA LYS B 212 -27.39 0.33 -11.89
C LYS B 212 -26.35 0.45 -12.96
N MET B 213 -25.69 -0.64 -13.31
CA MET B 213 -24.70 -0.55 -14.42
C MET B 213 -25.43 -0.28 -15.75
N ASP B 214 -26.63 -0.80 -15.92
CA ASP B 214 -27.36 -0.54 -17.17
C ASP B 214 -27.74 0.93 -17.35
N GLU B 215 -28.25 1.51 -16.26
CA GLU B 215 -28.62 2.92 -16.22
C GLU B 215 -27.40 3.76 -16.47
N ALA B 216 -26.29 3.42 -15.83
CA ALA B 216 -25.08 4.20 -16.01
C ALA B 216 -24.55 4.14 -17.42
N LEU B 217 -24.51 2.96 -18.04
CA LEU B 217 -24.04 2.94 -19.46
C LEU B 217 -25.00 3.70 -20.40
N ALA B 218 -26.30 3.73 -20.13
CA ALA B 218 -27.28 4.34 -21.05
C ALA B 218 -27.04 5.83 -21.04
N GLU B 219 -26.86 6.38 -19.85
CA GLU B 219 -26.48 7.78 -19.71
C GLU B 219 -25.35 8.17 -20.64
N ILE B 220 -24.42 7.27 -20.90
CA ILE B 220 -23.26 7.69 -21.65
C ILE B 220 -23.21 7.02 -22.99
N GLY B 221 -24.36 6.45 -23.40
CA GLY B 221 -24.49 5.97 -24.76
C GLY B 221 -23.73 4.68 -25.08
N PHE B 222 -23.52 3.83 -24.07
CA PHE B 222 -23.02 2.47 -24.35
C PHE B 222 -24.08 1.42 -23.94
N VAL B 223 -23.89 0.19 -24.40
CA VAL B 223 -24.74 -0.96 -24.02
C VAL B 223 -23.81 -2.11 -23.63
N PHE B 224 -24.14 -2.83 -22.56
CA PHE B 224 -23.41 -4.06 -22.25
C PHE B 224 -23.33 -5.02 -23.46
N GLY B 225 -22.17 -5.66 -23.63
CA GLY B 225 -21.92 -6.48 -24.82
C GLY B 225 -20.94 -5.85 -25.77
N GLU B 226 -20.73 -4.52 -25.67
CA GLU B 226 -19.82 -3.81 -26.59
C GLU B 226 -18.37 -4.30 -26.48
N GLN B 227 -18.01 -4.81 -25.27
CA GLN B 227 -16.69 -5.32 -25.06
C GLN B 227 -16.38 -6.47 -25.99
N TRP B 228 -17.44 -7.09 -26.52
CA TRP B 228 -17.32 -8.34 -27.25
C TRP B 228 -17.46 -8.24 -28.78
N ARG B 229 -17.82 -7.06 -29.29
CA ARG B 229 -17.72 -6.78 -30.72
C ARG B 229 -16.27 -6.67 -31.17
N MET C 4 23.82 -18.90 29.57
CA MET C 4 23.51 -18.42 28.19
C MET C 4 24.76 -17.86 27.48
N THR C 5 25.40 -18.72 26.69
CA THR C 5 26.78 -18.54 26.22
C THR C 5 26.89 -18.72 24.69
N PRO C 6 28.09 -18.49 24.11
CA PRO C 6 28.21 -18.71 22.66
C PRO C 6 27.98 -20.16 22.24
N ASP C 7 28.29 -21.10 23.12
CA ASP C 7 28.23 -22.50 22.72
C ASP C 7 26.83 -23.11 22.83
N ILE C 8 26.05 -22.72 23.85
CA ILE C 8 24.63 -23.14 23.95
C ILE C 8 23.94 -23.12 22.55
N ILE C 9 24.31 -22.13 21.73
CA ILE C 9 23.84 -21.95 20.35
C ILE C 9 24.25 -23.06 19.38
N LEU C 10 25.53 -23.41 19.37
CA LEU C 10 26.05 -24.40 18.44
C LEU C 10 25.38 -25.75 18.63
N GLN C 11 25.00 -26.05 19.87
CA GLN C 11 24.39 -27.35 20.21
C GLN C 11 23.02 -27.53 19.57
N ARG C 12 22.20 -26.48 19.63
CA ARG C 12 20.89 -26.45 18.96
C ARG C 12 20.99 -26.24 17.43
N THR C 13 21.76 -25.22 17.03
CA THR C 13 21.75 -24.76 15.64
C THR C 13 22.85 -25.34 14.73
N GLY C 14 24.04 -25.51 15.31
CA GLY C 14 25.22 -25.89 14.54
C GLY C 14 25.82 -24.65 13.93
N ILE C 15 25.76 -23.54 14.67
CA ILE C 15 26.23 -22.26 14.16
C ILE C 15 27.23 -21.53 15.08
N ASP C 16 28.41 -21.32 14.51
CA ASP C 16 29.49 -20.50 15.05
C ASP C 16 29.06 -19.05 14.92
N VAL C 17 28.80 -18.42 16.07
CA VAL C 17 28.35 -17.04 16.10
C VAL C 17 29.47 -16.01 15.76
N ARG C 18 30.71 -16.51 15.70
CA ARG C 18 31.88 -15.70 15.32
C ARG C 18 31.69 -15.11 13.92
N ALA C 19 31.57 -16.00 12.93
CA ALA C 19 31.51 -15.67 11.49
C ALA C 19 30.37 -14.71 11.11
N VAL C 20 29.43 -14.54 12.03
CA VAL C 20 28.11 -14.00 11.72
C VAL C 20 28.09 -12.48 11.62
N GLU C 21 27.97 -11.99 10.38
CA GLU C 21 27.86 -10.56 10.06
C GLU C 21 26.44 -10.22 9.62
N GLN C 22 25.75 -9.42 10.45
CA GLN C 22 24.38 -8.93 10.21
C GLN C 22 23.98 -8.82 8.73
N GLY C 23 23.27 -9.82 8.25
CA GLY C 23 22.80 -9.86 6.86
C GLY C 23 23.09 -11.18 6.17
N ASP C 24 24.19 -11.80 6.57
CA ASP C 24 24.60 -13.06 5.98
C ASP C 24 23.61 -14.20 6.25
N ASP C 25 23.86 -15.35 5.62
CA ASP C 25 22.99 -16.54 5.71
C ASP C 25 22.69 -16.98 7.13
N ALA C 26 23.76 -16.99 7.94
CA ALA C 26 23.72 -17.52 9.29
C ALA C 26 22.90 -16.62 10.20
N TRP C 27 22.97 -15.32 9.92
CA TRP C 27 22.24 -14.27 10.68
C TRP C 27 20.74 -14.53 10.66
N HIS C 28 20.20 -14.70 9.46
CA HIS C 28 18.78 -14.98 9.27
C HIS C 28 18.33 -16.28 9.93
N LYS C 29 19.09 -17.37 9.71
CA LYS C 29 18.75 -18.64 10.31
C LYS C 29 18.55 -18.49 11.81
N LEU C 30 19.36 -17.66 12.44
CA LEU C 30 19.34 -17.53 13.89
C LEU C 30 18.08 -16.84 14.40
N ARG C 31 17.41 -16.11 13.51
CA ARG C 31 16.19 -15.33 13.87
C ARG C 31 14.87 -16.07 13.68
N LEU C 32 14.86 -17.17 12.92
CA LEU C 32 13.60 -17.90 12.64
C LEU C 32 12.80 -18.26 13.91
N GLY C 33 11.54 -17.82 13.94
CA GLY C 33 10.58 -18.24 14.96
C GLY C 33 10.81 -17.57 16.29
N VAL C 34 11.83 -16.73 16.33
CA VAL C 34 12.22 -16.03 17.52
C VAL C 34 11.56 -14.64 17.57
N ILE C 35 11.02 -14.28 18.75
CA ILE C 35 10.45 -12.96 18.96
C ILE C 35 11.55 -11.89 19.00
N THR C 36 11.57 -11.03 17.99
CA THR C 36 12.62 -10.05 17.78
C THR C 36 12.10 -8.65 18.13
N ALA C 37 13.02 -7.76 18.53
CA ALA C 37 12.66 -6.40 18.96
C ALA C 37 11.84 -5.60 17.96
N SER C 38 12.23 -5.64 16.67
CA SER C 38 11.48 -4.94 15.60
C SER C 38 10.01 -5.35 15.51
N GLU C 39 9.72 -6.60 15.84
CA GLU C 39 8.35 -7.09 15.80
C GLU C 39 7.64 -7.04 17.14
N VAL C 40 8.39 -6.92 18.25
CA VAL C 40 7.76 -7.12 19.53
C VAL C 40 6.51 -6.28 19.84
N HIS C 41 6.36 -5.13 19.19
CA HIS C 41 5.15 -4.29 19.39
C HIS C 41 3.86 -5.06 19.03
N ASN C 42 3.98 -6.04 18.16
CA ASN C 42 2.81 -6.86 17.79
C ASN C 42 2.44 -7.77 18.95
N VAL C 43 3.44 -8.23 19.66
CA VAL C 43 3.21 -9.14 20.79
C VAL C 43 2.53 -8.47 21.98
N ILE C 44 2.81 -7.17 22.23
CA ILE C 44 2.26 -6.48 23.43
C ILE C 44 0.93 -5.75 23.18
N ALA C 45 0.44 -5.91 21.97
CA ALA C 45 -0.84 -5.33 21.57
C ALA C 45 -1.96 -5.92 22.42
N LYS C 46 -2.98 -5.11 22.69
CA LYS C 46 -4.19 -5.54 23.41
C LYS C 46 -5.43 -4.98 22.71
N PRO C 47 -6.48 -5.82 22.54
CA PRO C 47 -7.74 -5.40 21.90
C PRO C 47 -8.48 -4.31 22.66
N ARG C 48 -9.22 -3.51 21.91
CA ARG C 48 -10.00 -2.41 22.49
C ARG C 48 -11.03 -2.85 23.54
N SER C 49 -11.67 -4.01 23.34
CA SER C 49 -12.73 -4.47 24.26
C SER C 49 -12.51 -5.80 24.97
N GLY C 50 -12.68 -6.90 24.24
CA GLY C 50 -12.74 -8.26 24.81
C GLY C 50 -11.39 -8.84 25.19
N LYS C 51 -11.10 -10.01 24.61
CA LYS C 51 -9.87 -10.80 24.81
C LYS C 51 -9.22 -11.20 23.47
N LYS C 52 -10.02 -11.12 22.41
CA LYS C 52 -9.67 -11.56 21.06
C LYS C 52 -8.42 -10.82 20.51
N TRP C 53 -7.24 -11.39 20.75
CA TRP C 53 -5.98 -10.87 20.22
C TRP C 53 -6.17 -10.13 18.91
N PRO C 54 -5.59 -8.91 18.82
CA PRO C 54 -5.75 -8.00 17.68
C PRO C 54 -5.18 -8.59 16.43
N ASP C 55 -5.62 -8.10 15.27
CA ASP C 55 -5.10 -8.59 14.00
C ASP C 55 -3.57 -8.78 14.07
N MET C 56 -2.84 -7.66 14.12
CA MET C 56 -1.36 -7.61 14.17
C MET C 56 -0.75 -8.69 15.07
N LYS C 57 -1.33 -8.86 16.26
CA LYS C 57 -0.80 -9.85 17.17
C LYS C 57 -0.94 -11.24 16.57
N MET C 58 -2.15 -11.57 16.11
CA MET C 58 -2.46 -12.83 15.47
C MET C 58 -1.58 -13.00 14.23
N SER C 59 -1.60 -12.01 13.36
CA SER C 59 -0.67 -11.95 12.25
C SER C 59 0.81 -12.24 12.63
N TYR C 60 1.28 -11.68 13.72
CA TYR C 60 2.68 -11.92 14.05
C TYR C 60 2.83 -13.35 14.62
N PHE C 61 1.93 -13.71 15.51
CA PHE C 61 1.72 -15.13 15.87
C PHE C 61 1.90 -16.07 14.67
N HIS C 62 1.13 -15.88 13.58
CA HIS C 62 1.17 -16.83 12.48
C HIS C 62 2.43 -16.74 11.68
N THR C 63 3.02 -15.57 11.61
CA THR C 63 4.31 -15.35 10.92
C THR C 63 5.43 -16.22 11.50
N LEU C 64 5.56 -16.19 12.83
CA LEU C 64 6.60 -16.97 13.52
C LEU C 64 6.40 -18.50 13.38
N LEU C 65 5.15 -18.96 13.54
CA LEU C 65 4.85 -20.38 13.37
C LEU C 65 5.32 -20.87 12.03
N ALA C 66 5.04 -20.07 11.02
CA ALA C 66 5.42 -20.40 9.66
C ALA C 66 6.92 -20.36 9.51
N GLU C 67 7.58 -19.47 10.25
CA GLU C 67 9.04 -19.50 10.24
C GLU C 67 9.47 -20.85 10.75
N VAL C 68 8.75 -21.33 11.75
CA VAL C 68 9.09 -22.61 12.37
C VAL C 68 8.88 -23.78 11.43
N CYS C 69 7.74 -23.80 10.73
CA CYS C 69 7.42 -24.98 9.93
C CYS C 69 7.97 -24.94 8.52
N THR C 70 8.33 -23.73 8.05
CA THR C 70 8.89 -23.64 6.69
C THR C 70 10.41 -23.64 6.72
N GLY C 71 10.95 -23.20 7.86
CA GLY C 71 12.36 -22.91 8.03
C GLY C 71 12.87 -21.82 7.13
N VAL C 72 11.96 -20.99 6.59
CA VAL C 72 12.36 -19.83 5.82
C VAL C 72 11.55 -18.63 6.33
N ALA C 73 12.01 -17.42 6.02
CA ALA C 73 11.23 -16.20 6.22
C ALA C 73 11.41 -15.41 4.93
N PRO C 74 10.34 -14.76 4.42
CA PRO C 74 10.48 -14.17 3.09
C PRO C 74 11.19 -12.82 3.22
N GLU C 75 11.64 -12.23 2.12
CA GLU C 75 12.15 -10.83 2.20
C GLU C 75 11.08 -9.72 2.42
N VAL C 76 11.16 -8.99 3.53
CA VAL C 76 10.25 -7.88 3.86
C VAL C 76 10.98 -6.55 3.60
N ASN C 77 10.26 -5.52 3.12
CA ASN C 77 10.88 -4.21 2.82
C ASN C 77 11.94 -4.23 1.73
N ALA C 78 13.18 -4.50 2.10
CA ALA C 78 14.28 -4.63 1.12
C ALA C 78 14.74 -3.24 0.71
N LYS C 79 13.76 -2.42 0.34
CA LYS C 79 13.98 -1.05 -0.06
C LYS C 79 14.71 -0.34 1.07
N ALA C 80 14.01 -0.15 2.19
CA ALA C 80 14.52 0.49 3.42
C ALA C 80 15.81 -0.15 3.96
N LEU C 81 15.86 -1.48 3.83
CA LEU C 81 16.91 -2.37 4.37
C LEU C 81 18.19 -2.23 3.56
N ALA C 82 18.06 -2.10 2.25
CA ALA C 82 19.21 -1.93 1.37
C ALA C 82 19.79 -0.54 1.56
N TRP C 83 18.91 0.41 1.89
CA TRP C 83 19.32 1.80 2.14
C TRP C 83 20.11 1.84 3.43
N GLY C 84 19.56 1.16 4.44
CA GLY C 84 20.17 1.08 5.79
C GLY C 84 21.53 0.42 5.74
N LYS C 85 21.69 -0.57 4.86
CA LYS C 85 22.95 -1.26 4.66
C LYS C 85 23.98 -0.30 4.13
N GLN C 86 23.59 0.47 3.14
CA GLN C 86 24.54 1.30 2.42
C GLN C 86 25.13 2.39 3.30
N TYR C 87 24.30 2.91 4.20
CA TYR C 87 24.68 4.00 5.07
C TYR C 87 25.11 3.60 6.47
N GLU C 88 25.15 2.28 6.69
CA GLU C 88 25.46 1.64 7.96
C GLU C 88 26.73 2.20 8.56
N ASN C 89 27.81 2.21 7.77
CA ASN C 89 29.14 2.57 8.30
C ASN C 89 29.28 4.05 8.64
N ASP C 90 28.70 4.87 7.77
CA ASP C 90 28.77 6.31 7.88
C ASP C 90 27.91 6.80 9.03
N ALA C 91 26.73 6.24 9.17
CA ALA C 91 25.90 6.58 10.29
C ALA C 91 26.68 6.31 11.58
N ARG C 92 27.31 5.14 11.64
CA ARG C 92 28.13 4.73 12.76
C ARG C 92 29.35 5.66 12.97
N THR C 93 30.07 6.01 11.90
CA THR C 93 31.25 6.85 12.07
C THR C 93 30.82 8.21 12.63
N LEU C 94 29.85 8.83 11.97
CA LEU C 94 29.33 10.11 12.44
C LEU C 94 28.85 10.02 13.87
N PHE C 95 28.32 8.86 14.25
CA PHE C 95 27.74 8.76 15.59
C PHE C 95 28.83 8.75 16.68
N GLU C 96 29.90 8.01 16.42
CA GLU C 96 31.01 7.86 17.36
C GLU C 96 31.71 9.23 17.45
N PHE C 97 31.92 9.85 16.28
CA PHE C 97 32.50 11.21 16.19
C PHE C 97 31.72 12.12 17.07
N THR C 98 30.39 12.14 16.91
CA THR C 98 29.56 13.08 17.62
C THR C 98 29.34 12.78 19.09
N SER C 99 29.13 11.53 19.42
CA SER C 99 28.83 11.18 20.80
C SER C 99 30.13 10.96 21.61
N GLY C 100 31.19 10.61 20.90
CA GLY C 100 32.45 10.34 21.53
C GLY C 100 32.35 9.05 22.32
N VAL C 101 31.58 8.07 21.85
CA VAL C 101 31.63 6.71 22.39
C VAL C 101 32.07 5.78 21.31
N ASN C 102 32.55 4.62 21.69
CA ASN C 102 32.95 3.67 20.69
C ASN C 102 31.89 2.60 20.53
N VAL C 103 31.61 2.24 19.27
CA VAL C 103 30.60 1.24 18.93
C VAL C 103 31.18 -0.12 18.50
N THR C 104 30.80 -1.15 19.27
CA THR C 104 31.02 -2.53 18.96
C THR C 104 29.75 -3.17 18.33
N GLU C 105 29.90 -3.78 17.16
CA GLU C 105 28.78 -4.48 16.54
C GLU C 105 28.46 -5.81 17.25
N SER C 106 27.24 -5.96 17.72
CA SER C 106 26.73 -7.25 18.15
C SER C 106 25.85 -7.93 17.09
N PRO C 107 26.18 -9.19 16.77
CA PRO C 107 25.33 -9.95 15.83
C PRO C 107 23.87 -10.17 16.34
N ILE C 108 23.67 -10.98 17.38
CA ILE C 108 22.33 -11.23 17.90
C ILE C 108 22.40 -11.56 19.36
N ILE C 109 21.40 -11.17 20.13
CA ILE C 109 21.42 -11.46 21.54
C ILE C 109 20.13 -12.07 22.13
N TYR C 110 20.21 -13.36 22.48
CA TYR C 110 19.10 -14.04 23.12
C TYR C 110 19.00 -13.67 24.59
N ARG C 111 17.78 -13.60 25.11
CA ARG C 111 17.57 -13.29 26.55
C ARG C 111 17.94 -14.41 27.53
N ASP C 112 17.85 -15.66 27.07
CA ASP C 112 18.03 -16.82 27.97
C ASP C 112 18.19 -18.04 27.10
N GLU C 113 18.57 -19.15 27.72
CA GLU C 113 18.76 -20.36 26.94
C GLU C 113 17.49 -20.92 26.23
N SER C 114 16.29 -20.58 26.73
CA SER C 114 15.01 -20.86 26.00
C SER C 114 15.08 -20.41 24.58
N MET C 115 15.78 -19.31 24.33
CA MET C 115 16.19 -18.95 22.96
C MET C 115 14.97 -18.52 22.12
N ARG C 116 13.94 -18.09 22.81
CA ARG C 116 12.68 -17.75 22.21
C ARG C 116 12.60 -16.24 21.90
N THR C 117 13.58 -15.50 22.44
CA THR C 117 13.56 -14.05 22.56
C THR C 117 14.97 -13.52 22.30
N ALA C 118 15.07 -12.50 21.43
CA ALA C 118 16.32 -11.95 20.92
C ALA C 118 16.15 -10.49 20.42
N CYS C 119 17.28 -9.76 20.34
CA CYS C 119 17.38 -8.53 19.55
C CYS C 119 18.72 -8.56 18.85
N SER C 120 18.86 -7.70 17.85
CA SER C 120 20.06 -7.61 17.04
C SER C 120 20.45 -6.12 16.94
N PRO C 121 21.03 -5.57 18.03
CA PRO C 121 21.29 -4.13 18.15
C PRO C 121 22.22 -3.66 17.05
N ASP C 122 22.12 -2.38 16.70
CA ASP C 122 22.99 -1.78 15.69
C ASP C 122 24.36 -1.54 16.26
N GLY C 123 24.42 -1.58 17.59
CA GLY C 123 25.69 -1.68 18.27
C GLY C 123 25.58 -1.78 19.77
N LEU C 124 26.75 -1.86 20.37
CA LEU C 124 26.92 -1.84 21.82
C LEU C 124 27.98 -0.81 22.08
N CYS C 125 27.67 0.12 22.97
CA CYS C 125 28.57 1.26 23.18
C CYS C 125 29.55 1.15 24.34
N SER C 126 30.73 1.77 24.15
CA SER C 126 31.75 1.80 25.19
C SER C 126 31.25 2.37 26.49
N ASP C 127 30.16 3.13 26.48
CA ASP C 127 29.53 3.57 27.76
C ASP C 127 28.49 2.58 28.33
N GLY C 128 28.36 1.41 27.73
CA GLY C 128 27.47 0.40 28.28
C GLY C 128 26.03 0.49 27.79
N ASN C 129 25.73 1.53 27.00
CA ASN C 129 24.41 1.64 26.34
C ASN C 129 24.39 0.85 25.07
N GLY C 130 23.20 0.39 24.68
CA GLY C 130 23.05 -0.18 23.34
C GLY C 130 22.75 0.93 22.34
N LEU C 131 22.70 0.54 21.07
CA LEU C 131 22.50 1.50 19.99
C LEU C 131 21.56 1.02 18.91
N GLU C 132 20.40 1.67 18.81
CA GLU C 132 19.54 1.52 17.64
C GLU C 132 19.89 2.64 16.70
N LEU C 133 20.35 2.29 15.51
CA LEU C 133 20.85 3.31 14.63
C LEU C 133 20.15 3.20 13.29
N LYS C 134 19.14 4.06 13.07
CA LYS C 134 18.32 3.99 11.83
C LYS C 134 18.71 4.98 10.73
N CYS C 135 18.60 4.59 9.46
CA CYS C 135 18.74 5.56 8.34
C CYS C 135 17.41 5.59 7.62
N PRO C 136 16.52 6.48 8.03
CA PRO C 136 15.12 6.42 7.62
C PRO C 136 15.03 6.52 6.12
N PHE C 137 14.13 5.75 5.52
CA PHE C 137 14.05 5.74 4.05
C PHE C 137 13.69 7.08 3.45
N THR C 138 12.81 7.81 4.12
CA THR C 138 12.48 9.15 3.74
C THR C 138 13.12 10.22 4.62
N SER C 139 13.50 11.35 4.03
CA SER C 139 14.03 12.46 4.85
C SER C 139 12.91 13.02 5.76
N ARG C 140 11.67 12.89 5.30
CA ARG C 140 10.49 13.27 6.06
C ARG C 140 10.50 12.68 7.45
N ASP C 141 10.75 11.38 7.53
CA ASP C 141 10.84 10.74 8.82
C ASP C 141 12.08 11.22 9.59
N PHE C 142 13.19 11.43 8.91
CA PHE C 142 14.32 12.03 9.61
C PHE C 142 13.86 13.28 10.28
N MET C 143 13.27 14.20 9.49
CA MET C 143 12.78 15.49 9.95
C MET C 143 11.86 15.36 11.16
N LYS C 144 10.78 14.56 11.02
CA LYS C 144 9.95 14.22 12.22
C LYS C 144 10.78 13.98 13.49
N PHE C 145 11.82 13.14 13.45
CA PHE C 145 12.57 12.87 14.66
C PHE C 145 13.49 14.04 15.07
N ARG C 146 14.03 14.75 14.09
CA ARG C 146 14.94 15.90 14.32
C ARG C 146 14.24 17.05 15.07
N LEU C 147 13.08 17.43 14.60
CA LEU C 147 12.26 18.44 15.24
C LEU C 147 11.49 17.96 16.45
N GLY C 148 11.01 16.72 16.42
CA GLY C 148 10.08 16.19 17.42
C GLY C 148 10.65 15.34 18.56
N GLY C 149 11.95 14.98 18.45
CA GLY C 149 12.69 14.24 19.46
C GLY C 149 12.01 13.01 20.02
N PHE C 150 12.38 12.69 21.25
CA PHE C 150 11.85 11.57 22.04
C PHE C 150 10.35 11.35 21.76
N GLU C 151 9.55 12.39 21.94
CA GLU C 151 8.09 12.26 21.86
C GLU C 151 7.52 11.92 20.49
N ALA C 152 8.29 12.11 19.43
CA ALA C 152 7.78 11.91 18.08
C ALA C 152 8.04 10.49 17.57
N ILE C 153 8.97 9.79 18.20
CA ILE C 153 9.24 8.41 17.80
C ILE C 153 8.16 7.44 18.27
N LYS C 154 7.68 6.64 17.32
CA LYS C 154 6.41 5.91 17.42
C LYS C 154 6.35 4.85 18.53
N SER C 155 5.23 4.14 18.58
CA SER C 155 5.03 3.14 19.62
C SER C 155 5.82 1.89 19.25
N ALA C 156 5.86 1.60 17.95
CA ALA C 156 6.60 0.44 17.48
C ALA C 156 8.08 0.63 17.75
N TYR C 157 8.58 1.88 17.76
CA TYR C 157 10.02 2.09 18.07
C TYR C 157 10.36 2.03 19.56
N MET C 158 9.56 2.68 20.40
CA MET C 158 9.80 2.60 21.81
C MET C 158 9.83 1.13 22.24
N ALA C 159 8.79 0.39 21.84
CA ALA C 159 8.68 -1.01 22.15
C ALA C 159 9.94 -1.79 21.79
N GLN C 160 10.43 -1.62 20.57
CA GLN C 160 11.66 -2.24 20.10
C GLN C 160 12.87 -1.97 21.00
N VAL C 161 13.02 -0.71 21.42
CA VAL C 161 14.16 -0.25 22.22
C VAL C 161 14.09 -0.87 23.63
N GLN C 162 12.92 -0.82 24.23
CA GLN C 162 12.66 -1.32 25.58
C GLN C 162 12.91 -2.81 25.65
N TYR C 163 12.40 -3.53 24.66
CA TYR C 163 12.66 -4.95 24.50
C TYR C 163 14.12 -5.23 24.41
N SER C 164 14.87 -4.30 23.83
CA SER C 164 16.31 -4.49 23.70
C SER C 164 16.96 -4.42 25.08
N MET C 165 16.44 -3.57 25.95
CA MET C 165 16.93 -3.54 27.29
C MET C 165 16.48 -4.79 28.04
N TRP C 166 15.21 -5.15 27.88
CA TRP C 166 14.65 -6.36 28.46
C TRP C 166 15.47 -7.57 28.10
N VAL C 167 15.86 -7.68 26.84
CA VAL C 167 16.74 -8.76 26.39
C VAL C 167 18.16 -8.72 26.98
N THR C 168 18.80 -7.56 26.97
CA THR C 168 20.18 -7.51 27.25
C THR C 168 20.43 -7.09 28.68
N ARG C 169 19.37 -6.85 29.45
CA ARG C 169 19.50 -6.41 30.82
C ARG C 169 20.36 -5.13 30.95
N LYS C 170 19.98 -4.09 30.22
CA LYS C 170 20.74 -2.85 30.26
C LYS C 170 19.81 -1.72 30.66
N ASN C 171 20.41 -0.63 31.12
CA ASN C 171 19.59 0.40 31.75
C ASN C 171 19.30 1.56 30.81
N ALA C 172 20.05 1.65 29.69
CA ALA C 172 19.88 2.77 28.74
C ALA C 172 20.19 2.38 27.27
N TRP C 173 19.60 3.12 26.33
CA TRP C 173 19.77 2.80 24.89
C TRP C 173 19.75 4.08 24.08
N TYR C 174 20.63 4.15 23.09
CA TYR C 174 20.68 5.30 22.18
C TYR C 174 19.76 5.02 21.05
N PHE C 175 18.89 5.98 20.74
CA PHE C 175 18.06 5.90 19.56
C PHE C 175 18.49 7.04 18.64
N ALA C 176 19.10 6.67 17.51
CA ALA C 176 19.57 7.61 16.53
C ALA C 176 19.02 7.44 15.10
N ASN C 177 18.98 8.58 14.36
CA ASN C 177 18.72 8.61 12.89
C ASN C 177 19.89 9.23 12.11
N TYR C 178 20.21 8.66 10.96
CA TYR C 178 21.09 9.35 10.07
C TYR C 178 20.46 9.57 8.70
N ASP C 179 20.63 10.79 8.21
CA ASP C 179 20.27 11.10 6.84
C ASP C 179 21.40 11.70 5.98
N PRO C 180 21.99 10.88 5.09
CA PRO C 180 23.06 11.34 4.24
C PRO C 180 22.68 12.49 3.34
N ARG C 181 21.38 12.68 3.10
CA ARG C 181 20.92 13.65 2.13
C ARG C 181 20.83 15.05 2.69
N MET C 182 20.76 15.16 4.02
CA MET C 182 20.76 16.42 4.71
C MET C 182 22.09 17.11 4.48
N LYS C 183 22.07 18.39 4.10
CA LYS C 183 23.31 19.19 3.92
C LYS C 183 24.13 19.27 5.19
N ARG C 184 23.45 19.47 6.33
CA ARG C 184 24.08 19.46 7.66
C ARG C 184 23.01 19.04 8.69
N GLU C 185 23.36 18.83 9.95
CA GLU C 185 22.40 18.33 10.94
C GLU C 185 21.81 16.90 10.60
N GLY C 186 22.58 16.08 9.87
CA GLY C 186 22.15 14.80 9.33
C GLY C 186 22.05 13.68 10.34
N LEU C 187 22.33 13.98 11.60
CA LEU C 187 22.31 12.97 12.67
C LEU C 187 21.70 13.53 13.94
N HIS C 188 20.79 12.78 14.50
CA HIS C 188 20.11 13.19 15.71
C HIS C 188 20.07 11.95 16.55
N TYR C 189 20.10 12.10 17.87
CA TYR C 189 19.99 10.96 18.74
C TYR C 189 19.47 11.37 20.10
N VAL C 190 18.83 10.43 20.81
CA VAL C 190 18.45 10.64 22.22
C VAL C 190 18.95 9.46 23.07
N VAL C 191 18.74 9.52 24.39
CA VAL C 191 18.97 8.33 25.21
C VAL C 191 17.63 7.89 25.81
N ILE C 192 17.20 6.66 25.54
CA ILE C 192 15.98 6.14 26.20
C ILE C 192 16.44 5.34 27.40
N GLU C 193 15.85 5.61 28.56
CA GLU C 193 16.16 4.86 29.79
C GLU C 193 15.25 3.67 29.90
N ARG C 194 15.74 2.60 30.52
CA ARG C 194 14.91 1.44 30.90
C ARG C 194 13.58 1.89 31.49
N ASP C 195 12.49 1.26 31.08
CA ASP C 195 11.17 1.63 31.63
C ASP C 195 10.52 0.41 32.28
N GLU C 196 10.34 0.45 33.60
CA GLU C 196 10.07 -0.80 34.33
C GLU C 196 8.67 -1.35 34.08
N LYS C 197 7.74 -0.47 33.71
CA LYS C 197 6.41 -0.85 33.22
C LYS C 197 6.44 -1.64 31.92
N TYR C 198 7.39 -1.29 31.05
CA TYR C 198 7.62 -2.09 29.84
C TYR C 198 8.17 -3.44 30.23
N MET C 199 9.10 -3.45 31.19
CA MET C 199 9.73 -4.71 31.62
C MET C 199 8.67 -5.71 32.10
N ALA C 200 7.82 -5.28 33.04
CA ALA C 200 6.66 -6.05 33.48
C ALA C 200 5.73 -6.48 32.31
N SER C 201 5.32 -5.51 31.49
CA SER C 201 4.50 -5.85 30.35
C SER C 201 5.13 -7.03 29.59
N PHE C 202 6.46 -7.01 29.42
CA PHE C 202 7.11 -8.08 28.69
C PHE C 202 7.09 -9.34 29.54
N ASP C 203 7.19 -9.15 30.85
CA ASP C 203 7.14 -10.27 31.80
C ASP C 203 5.78 -10.99 31.91
N GLU C 204 4.68 -10.23 32.02
CA GLU C 204 3.32 -10.80 31.98
C GLU C 204 3.02 -11.42 30.62
N ILE C 205 3.27 -10.66 29.56
CA ILE C 205 2.76 -10.99 28.23
C ILE C 205 3.58 -11.99 27.41
N VAL C 206 4.89 -11.84 27.41
CA VAL C 206 5.71 -12.60 26.47
C VAL C 206 5.62 -14.07 26.79
N PRO C 207 5.70 -14.45 28.07
CA PRO C 207 5.80 -15.91 28.27
C PRO C 207 4.49 -16.64 27.89
N GLU C 208 3.35 -15.97 28.09
CA GLU C 208 2.08 -16.49 27.63
C GLU C 208 2.05 -16.63 26.13
N PHE C 209 2.63 -15.66 25.43
CA PHE C 209 2.62 -15.68 23.96
C PHE C 209 3.48 -16.83 23.44
N ILE C 210 4.61 -17.06 24.09
CA ILE C 210 5.41 -18.26 23.83
C ILE C 210 4.68 -19.58 24.15
N GLU C 211 3.95 -19.60 25.26
CA GLU C 211 3.21 -20.82 25.67
C GLU C 211 2.18 -21.20 24.57
N LYS C 212 1.48 -20.18 24.04
CA LYS C 212 0.52 -20.33 22.93
C LYS C 212 1.18 -20.79 21.63
N MET C 213 2.37 -20.31 21.33
CA MET C 213 3.03 -20.80 20.13
C MET C 213 3.24 -22.32 20.18
N ASP C 214 3.57 -22.79 21.38
CA ASP C 214 3.91 -24.21 21.61
C ASP C 214 2.68 -25.11 21.50
N GLU C 215 1.59 -24.69 22.13
CA GLU C 215 0.24 -25.25 21.94
C GLU C 215 -0.10 -25.32 20.46
N ALA C 216 0.11 -24.21 19.72
CA ALA C 216 -0.23 -24.17 18.29
C ALA C 216 0.62 -25.17 17.54
N LEU C 217 1.92 -25.18 17.79
CA LEU C 217 2.79 -26.05 17.01
C LEU C 217 2.45 -27.53 17.27
N ALA C 218 2.04 -27.85 18.49
CA ALA C 218 1.74 -29.25 18.84
C ALA C 218 0.55 -29.68 18.00
N GLU C 219 -0.58 -29.04 18.25
CA GLU C 219 -1.72 -28.99 17.35
C GLU C 219 -1.40 -29.53 15.93
N ILE C 220 -0.25 -29.19 15.35
CA ILE C 220 0.05 -29.61 13.98
C ILE C 220 1.32 -30.45 13.86
N GLY C 221 1.83 -30.93 14.99
CA GLY C 221 2.93 -31.89 14.97
C GLY C 221 4.28 -31.28 14.63
N PHE C 222 4.39 -29.98 14.89
CA PHE C 222 5.69 -29.33 14.84
C PHE C 222 6.19 -28.99 16.24
N VAL C 223 7.52 -28.92 16.38
CA VAL C 223 8.13 -28.53 17.66
C VAL C 223 9.13 -27.37 17.54
N PHE C 224 9.07 -26.40 18.46
CA PHE C 224 10.03 -25.29 18.35
C PHE C 224 11.43 -25.83 18.43
N GLY C 225 12.29 -25.47 17.49
CA GLY C 225 13.65 -25.96 17.45
C GLY C 225 13.86 -26.54 16.12
N GLU C 226 12.74 -26.97 15.54
CA GLU C 226 12.74 -27.77 14.33
C GLU C 226 13.43 -27.08 13.15
N GLN C 227 13.22 -25.77 13.03
CA GLN C 227 13.76 -24.93 11.93
C GLN C 227 15.28 -24.94 11.84
N TRP C 228 15.94 -25.35 12.93
CA TRP C 228 17.41 -25.49 12.95
C TRP C 228 17.80 -26.95 12.88
N ARG C 229 18.20 -27.36 11.68
CA ARG C 229 18.34 -28.77 11.33
C ARG C 229 19.42 -28.92 10.25
#